data_1N4N
#
_entry.id   1N4N
#
_entity_poly.entity_id   1
_entity_poly.type   'polypeptide(L)'
_entity_poly.pdbx_seq_one_letter_code
;ATCKAECPTWDSVCINKKPCVACCKKAKFSDGHCSKILRRCLCTKEC
;
_entity_poly.pdbx_strand_id   A
#
# COMPACT_ATOMS: atom_id res chain seq x y z
N ALA A 1 -11.31 -9.20 9.76
CA ALA A 1 -11.88 -7.90 9.36
C ALA A 1 -10.77 -6.93 8.97
N THR A 2 -9.75 -7.43 8.29
CA THR A 2 -8.62 -6.62 7.86
C THR A 2 -8.00 -7.23 6.61
N CYS A 3 -7.92 -6.45 5.54
CA CYS A 3 -7.34 -6.94 4.30
C CYS A 3 -6.16 -6.09 3.86
N LYS A 4 -5.11 -6.76 3.39
CA LYS A 4 -3.90 -6.09 2.94
C LYS A 4 -3.48 -6.60 1.57
N ALA A 5 -3.04 -5.68 0.74
CA ALA A 5 -2.58 -5.99 -0.61
C ALA A 5 -1.69 -4.87 -1.08
N GLU A 6 -0.51 -5.20 -1.57
CA GLU A 6 0.42 -4.19 -2.01
C GLU A 6 -0.10 -3.53 -3.27
N CYS A 7 0.11 -2.22 -3.36
CA CYS A 7 -0.32 -1.43 -4.50
C CYS A 7 0.05 -2.14 -5.81
N PRO A 8 -0.96 -2.42 -6.66
CA PRO A 8 -0.75 -3.12 -7.93
C PRO A 8 0.31 -2.45 -8.81
N THR A 9 0.21 -1.14 -8.90
CA THR A 9 1.17 -0.36 -9.68
C THR A 9 2.34 0.05 -8.82
N TRP A 10 2.86 -0.88 -8.03
CA TRP A 10 3.97 -0.59 -7.14
C TRP A 10 5.00 -1.71 -7.17
N ASP A 11 6.18 -1.39 -7.65
CA ASP A 11 7.28 -2.35 -7.71
C ASP A 11 8.60 -1.60 -7.58
N SER A 12 8.67 -0.78 -6.55
CA SER A 12 9.86 0.02 -6.28
C SER A 12 9.95 0.34 -4.79
N VAL A 13 11.07 0.95 -4.40
CA VAL A 13 11.29 1.30 -3.01
C VAL A 13 10.54 2.57 -2.63
N CYS A 14 9.69 2.46 -1.62
CA CYS A 14 8.90 3.58 -1.13
C CYS A 14 9.78 4.56 -0.35
N ILE A 15 9.71 5.82 -0.72
CA ILE A 15 10.48 6.86 -0.06
C ILE A 15 9.62 7.60 0.96
N ASN A 16 8.34 7.77 0.64
CA ASN A 16 7.41 8.45 1.53
C ASN A 16 6.07 7.74 1.54
N LYS A 17 5.34 7.86 2.64
CA LYS A 17 4.04 7.22 2.80
C LYS A 17 3.00 7.76 1.82
N LYS A 18 3.07 9.06 1.53
CA LYS A 18 2.11 9.72 0.61
C LYS A 18 1.93 8.94 -0.70
N PRO A 19 3.01 8.68 -1.48
CA PRO A 19 2.92 7.93 -2.75
C PRO A 19 2.12 6.65 -2.59
N CYS A 20 2.43 5.91 -1.53
CA CYS A 20 1.76 4.66 -1.23
C CYS A 20 0.28 4.88 -0.96
N VAL A 21 -0.02 5.82 -0.06
CA VAL A 21 -1.40 6.14 0.28
C VAL A 21 -2.16 6.57 -0.96
N ALA A 22 -1.48 7.29 -1.85
CA ALA A 22 -2.08 7.74 -3.10
C ALA A 22 -2.54 6.54 -3.91
N CYS A 23 -1.68 5.55 -4.06
CA CYS A 23 -2.02 4.35 -4.80
C CYS A 23 -3.17 3.62 -4.12
N CYS A 24 -3.01 3.41 -2.83
CA CYS A 24 -4.02 2.71 -2.05
C CYS A 24 -5.39 3.39 -2.15
N LYS A 25 -5.41 4.72 -2.13
CA LYS A 25 -6.66 5.45 -2.24
C LYS A 25 -7.31 5.22 -3.60
N LYS A 26 -6.53 5.32 -4.67
CA LYS A 26 -7.07 5.10 -6.01
C LYS A 26 -7.37 3.61 -6.23
N ALA A 27 -6.88 2.77 -5.33
CA ALA A 27 -7.11 1.33 -5.41
C ALA A 27 -8.30 0.93 -4.54
N LYS A 28 -8.88 1.93 -3.86
CA LYS A 28 -10.04 1.75 -2.99
C LYS A 28 -9.64 1.02 -1.69
N PHE A 29 -8.59 1.53 -1.06
CA PHE A 29 -8.11 0.99 0.22
C PHE A 29 -8.13 2.10 1.26
N SER A 30 -8.38 1.74 2.52
CA SER A 30 -8.46 2.71 3.61
C SER A 30 -7.18 3.51 3.77
N ASP A 31 -6.03 2.83 3.78
CA ASP A 31 -4.74 3.49 3.93
C ASP A 31 -3.61 2.55 3.52
N GLY A 32 -2.52 3.15 3.04
CA GLY A 32 -1.37 2.37 2.63
C GLY A 32 -0.16 2.63 3.49
N HIS A 33 0.59 1.57 3.76
CA HIS A 33 1.79 1.68 4.58
C HIS A 33 2.95 0.94 3.91
N CYS A 34 4.06 1.62 3.81
CA CYS A 34 5.25 1.05 3.18
C CYS A 34 5.89 -0.01 4.09
N SER A 35 6.23 -1.13 3.48
CA SER A 35 6.84 -2.24 4.19
C SER A 35 8.29 -1.91 4.60
N LYS A 36 8.80 -2.68 5.53
CA LYS A 36 10.16 -2.50 6.01
C LYS A 36 11.14 -3.32 5.18
N ILE A 37 10.64 -4.43 4.64
CA ILE A 37 11.47 -5.33 3.83
C ILE A 37 11.84 -4.71 2.49
N LEU A 38 11.12 -5.10 1.44
CA LEU A 38 11.37 -4.59 0.09
C LEU A 38 10.84 -3.18 -0.08
N ARG A 39 10.30 -2.65 1.00
CA ARG A 39 9.75 -1.30 1.04
C ARG A 39 8.55 -1.15 0.09
N ARG A 40 7.83 -2.26 -0.11
CA ARG A 40 6.65 -2.25 -0.96
C ARG A 40 5.50 -1.49 -0.30
N CYS A 41 4.58 -0.99 -1.10
CA CYS A 41 3.43 -0.25 -0.59
C CYS A 41 2.32 -1.21 -0.21
N LEU A 42 2.16 -1.46 1.07
CA LEU A 42 1.12 -2.35 1.57
C LEU A 42 -0.18 -1.58 1.81
N CYS A 43 -1.20 -1.88 1.03
CA CYS A 43 -2.48 -1.20 1.20
C CYS A 43 -3.36 -2.00 2.14
N THR A 44 -3.96 -1.33 3.10
CA THR A 44 -4.83 -1.98 4.06
C THR A 44 -6.22 -1.39 4.01
N LYS A 45 -7.22 -2.23 4.19
CA LYS A 45 -8.60 -1.79 4.16
C LYS A 45 -9.51 -2.70 4.95
N GLU A 46 -10.74 -2.26 5.12
CA GLU A 46 -11.75 -3.01 5.84
C GLU A 46 -12.33 -4.12 4.98
N CYS A 47 -12.71 -5.20 5.64
CA CYS A 47 -13.28 -6.37 4.98
C CYS A 47 -13.75 -7.35 6.04
N ALA A 1 -8.82 -7.96 13.06
CA ALA A 1 -7.42 -8.27 12.68
C ALA A 1 -6.95 -7.31 11.61
N THR A 2 -5.63 -7.28 11.37
CA THR A 2 -5.06 -6.41 10.37
C THR A 2 -4.44 -7.23 9.25
N CYS A 3 -5.05 -7.19 8.08
CA CYS A 3 -4.58 -7.95 6.94
C CYS A 3 -3.70 -7.10 6.04
N LYS A 4 -2.54 -7.63 5.70
CA LYS A 4 -1.60 -6.92 4.82
C LYS A 4 -1.45 -7.69 3.52
N ALA A 5 -1.48 -6.95 2.42
CA ALA A 5 -1.32 -7.53 1.10
C ALA A 5 -0.90 -6.43 0.13
N GLU A 6 0.11 -6.71 -0.67
CA GLU A 6 0.58 -5.74 -1.63
C GLU A 6 -0.48 -5.51 -2.68
N CYS A 7 -0.67 -4.26 -3.03
CA CYS A 7 -1.68 -3.87 -4.02
C CYS A 7 -1.53 -4.71 -5.30
N PRO A 8 -2.62 -5.38 -5.71
CA PRO A 8 -2.62 -6.24 -6.91
C PRO A 8 -2.16 -5.49 -8.16
N THR A 9 -2.65 -4.28 -8.32
CA THR A 9 -2.29 -3.46 -9.47
C THR A 9 -1.03 -2.66 -9.18
N TRP A 10 0.01 -3.34 -8.71
CA TRP A 10 1.26 -2.67 -8.39
C TRP A 10 2.44 -3.47 -8.91
N ASP A 11 3.17 -2.89 -9.85
CA ASP A 11 4.35 -3.54 -10.44
C ASP A 11 5.33 -2.47 -10.88
N SER A 12 5.83 -1.71 -9.91
CA SER A 12 6.76 -0.63 -10.17
C SER A 12 7.55 -0.30 -8.90
N VAL A 13 8.67 0.38 -9.06
CA VAL A 13 9.49 0.77 -7.92
C VAL A 13 8.86 1.96 -7.22
N CYS A 14 8.44 1.75 -5.99
CA CYS A 14 7.79 2.77 -5.20
C CYS A 14 8.79 3.66 -4.46
N ILE A 15 8.46 4.94 -4.35
CA ILE A 15 9.28 5.90 -3.64
C ILE A 15 8.40 6.69 -2.68
N ASN A 16 7.42 7.39 -3.24
CA ASN A 16 6.48 8.17 -2.45
C ASN A 16 5.38 7.25 -1.91
N LYS A 17 4.88 7.55 -0.72
CA LYS A 17 3.85 6.72 -0.09
C LYS A 17 2.46 6.95 -0.69
N LYS A 18 2.22 8.17 -1.18
CA LYS A 18 0.93 8.51 -1.79
C LYS A 18 0.48 7.50 -2.85
N PRO A 19 1.33 7.16 -3.85
CA PRO A 19 0.98 6.18 -4.89
C PRO A 19 0.42 4.89 -4.31
N CYS A 20 1.07 4.43 -3.25
CA CYS A 20 0.66 3.21 -2.56
C CYS A 20 -0.72 3.38 -1.93
N VAL A 21 -0.88 4.44 -1.15
CA VAL A 21 -2.15 4.72 -0.48
C VAL A 21 -3.29 4.76 -1.49
N ALA A 22 -3.05 5.36 -2.64
CA ALA A 22 -4.05 5.44 -3.69
C ALA A 22 -4.40 4.04 -4.19
N CYS A 23 -3.38 3.23 -4.40
CA CYS A 23 -3.56 1.86 -4.86
C CYS A 23 -4.36 1.06 -3.83
N CYS A 24 -4.00 1.24 -2.58
CA CYS A 24 -4.65 0.56 -1.47
C CYS A 24 -6.10 1.00 -1.31
N LYS A 25 -6.34 2.30 -1.45
CA LYS A 25 -7.68 2.85 -1.31
C LYS A 25 -8.61 2.29 -2.37
N LYS A 26 -8.18 2.26 -3.62
CA LYS A 26 -9.00 1.72 -4.70
C LYS A 26 -9.19 0.22 -4.51
N ALA A 27 -8.19 -0.43 -3.89
CA ALA A 27 -8.24 -1.87 -3.64
C ALA A 27 -9.13 -2.19 -2.43
N LYS A 28 -9.77 -1.16 -1.88
CA LYS A 28 -10.66 -1.29 -0.73
C LYS A 28 -9.90 -1.66 0.56
N PHE A 29 -8.74 -1.06 0.73
CA PHE A 29 -7.93 -1.28 1.93
C PHE A 29 -7.99 -0.03 2.80
N SER A 30 -7.90 -0.22 4.11
CA SER A 30 -7.96 0.88 5.07
C SER A 30 -6.90 1.92 4.76
N ASP A 31 -5.70 1.45 4.43
CA ASP A 31 -4.58 2.33 4.09
C ASP A 31 -3.43 1.49 3.57
N GLY A 32 -2.42 2.14 3.04
CA GLY A 32 -1.28 1.43 2.51
C GLY A 32 0.03 2.11 2.81
N HIS A 33 1.08 1.33 2.86
CA HIS A 33 2.41 1.83 3.15
C HIS A 33 3.44 1.23 2.21
N CYS A 34 4.20 2.10 1.60
CA CYS A 34 5.24 1.72 0.67
C CYS A 34 6.37 1.02 1.41
N SER A 35 6.74 -0.19 0.96
CA SER A 35 7.81 -0.94 1.60
C SER A 35 9.18 -0.45 1.14
N LYS A 36 10.15 -0.57 2.03
CA LYS A 36 11.52 -0.14 1.73
C LYS A 36 12.31 -1.26 1.07
N ILE A 37 11.92 -2.49 1.37
CA ILE A 37 12.60 -3.66 0.84
C ILE A 37 12.48 -3.78 -0.69
N LEU A 38 11.36 -4.33 -1.16
CA LEU A 38 11.16 -4.53 -2.59
C LEU A 38 10.41 -3.36 -3.23
N ARG A 39 10.14 -2.34 -2.44
CA ARG A 39 9.42 -1.14 -2.90
C ARG A 39 8.02 -1.48 -3.37
N ARG A 40 7.44 -2.52 -2.79
CA ARG A 40 6.08 -2.92 -3.14
C ARG A 40 5.09 -2.17 -2.26
N CYS A 41 3.90 -1.94 -2.78
CA CYS A 41 2.87 -1.25 -2.04
C CYS A 41 2.15 -2.19 -1.09
N LEU A 42 2.50 -2.14 0.18
CA LEU A 42 1.87 -3.00 1.17
C LEU A 42 0.59 -2.36 1.70
N CYS A 43 -0.53 -2.96 1.38
CA CYS A 43 -1.81 -2.44 1.82
C CYS A 43 -2.27 -3.15 3.08
N THR A 44 -2.87 -2.41 3.99
CA THR A 44 -3.37 -2.96 5.23
C THR A 44 -4.83 -2.63 5.41
N LYS A 45 -5.61 -3.58 5.89
CA LYS A 45 -7.03 -3.36 6.11
C LYS A 45 -7.53 -4.24 7.25
N GLU A 46 -8.73 -3.94 7.69
CA GLU A 46 -9.36 -4.67 8.77
C GLU A 46 -9.92 -6.00 8.29
N CYS A 47 -9.81 -7.01 9.12
CA CYS A 47 -10.29 -8.35 8.80
C CYS A 47 -10.48 -9.13 10.09
N ALA A 1 -13.83 -6.31 7.94
CA ALA A 1 -12.72 -6.80 8.79
C ALA A 1 -11.41 -6.13 8.40
N THR A 2 -10.28 -6.73 8.76
CA THR A 2 -9.00 -6.15 8.42
C THR A 2 -8.54 -6.64 7.05
N CYS A 3 -8.30 -5.72 6.13
CA CYS A 3 -7.89 -6.08 4.79
C CYS A 3 -6.63 -5.32 4.36
N LYS A 4 -5.70 -6.05 3.75
CA LYS A 4 -4.44 -5.48 3.27
C LYS A 4 -4.08 -6.07 1.93
N ALA A 5 -3.61 -5.21 1.05
CA ALA A 5 -3.18 -5.61 -0.28
C ALA A 5 -2.31 -4.52 -0.86
N GLU A 6 -1.18 -4.91 -1.42
CA GLU A 6 -0.27 -3.96 -2.00
C GLU A 6 -0.95 -3.30 -3.18
N CYS A 7 -0.77 -2.00 -3.30
CA CYS A 7 -1.39 -1.23 -4.38
C CYS A 7 -1.18 -1.92 -5.72
N PRO A 8 -2.28 -2.26 -6.42
CA PRO A 8 -2.23 -2.94 -7.73
C PRO A 8 -1.35 -2.22 -8.73
N THR A 9 -1.36 -0.90 -8.66
CA THR A 9 -0.56 -0.08 -9.53
C THR A 9 0.72 0.35 -8.82
N TRP A 10 1.38 -0.62 -8.19
CA TRP A 10 2.61 -0.38 -7.47
C TRP A 10 3.42 -1.67 -7.36
N ASP A 11 4.69 -1.58 -7.66
CA ASP A 11 5.57 -2.74 -7.60
C ASP A 11 6.99 -2.33 -7.21
N SER A 12 7.28 -1.06 -7.40
CA SER A 12 8.60 -0.51 -7.11
C SER A 12 8.83 -0.28 -5.61
N VAL A 13 10.02 0.21 -5.30
CA VAL A 13 10.42 0.49 -3.94
C VAL A 13 9.82 1.81 -3.45
N CYS A 14 9.24 1.79 -2.26
CA CYS A 14 8.63 2.97 -1.66
C CYS A 14 9.68 4.02 -1.34
N ILE A 15 9.41 5.25 -1.73
CA ILE A 15 10.32 6.37 -1.48
C ILE A 15 9.85 7.14 -0.25
N ASN A 16 8.55 7.09 0.00
CA ASN A 16 7.95 7.77 1.14
C ASN A 16 6.52 7.26 1.32
N LYS A 17 5.95 7.47 2.50
CA LYS A 17 4.59 7.01 2.78
C LYS A 17 3.57 7.68 1.88
N LYS A 18 3.77 8.98 1.60
CA LYS A 18 2.84 9.74 0.76
C LYS A 18 2.55 9.03 -0.58
N PRO A 19 3.58 8.71 -1.40
CA PRO A 19 3.37 8.00 -2.68
C PRO A 19 2.48 6.77 -2.51
N CYS A 20 2.75 6.01 -1.45
CA CYS A 20 1.99 4.81 -1.15
C CYS A 20 0.53 5.15 -0.85
N VAL A 21 0.33 6.10 0.06
CA VAL A 21 -1.01 6.52 0.45
C VAL A 21 -1.80 6.97 -0.78
N ALA A 22 -1.17 7.76 -1.64
CA ALA A 22 -1.81 8.24 -2.87
C ALA A 22 -2.25 7.05 -3.72
N CYS A 23 -1.36 6.07 -3.85
CA CYS A 23 -1.64 4.88 -4.62
C CYS A 23 -2.85 4.18 -4.02
N CYS A 24 -2.83 4.03 -2.70
CA CYS A 24 -3.90 3.40 -1.96
C CYS A 24 -5.20 4.21 -2.03
N LYS A 25 -5.07 5.54 -2.11
CA LYS A 25 -6.23 6.41 -2.19
C LYS A 25 -7.04 6.10 -3.44
N LYS A 26 -6.36 6.08 -4.59
CA LYS A 26 -7.03 5.80 -5.86
C LYS A 26 -7.46 4.34 -5.90
N ALA A 27 -6.76 3.48 -5.16
CA ALA A 27 -7.08 2.06 -5.09
C ALA A 27 -8.27 1.81 -4.18
N LYS A 28 -8.76 2.88 -3.56
CA LYS A 28 -9.91 2.83 -2.65
C LYS A 28 -9.58 2.07 -1.36
N PHE A 29 -8.53 2.54 -0.68
CA PHE A 29 -8.09 1.96 0.59
C PHE A 29 -8.04 3.04 1.66
N SER A 30 -8.18 2.65 2.92
CA SER A 30 -8.16 3.60 4.03
C SER A 30 -6.81 4.31 4.13
N ASP A 31 -5.74 3.54 4.14
CA ASP A 31 -4.39 4.11 4.21
C ASP A 31 -3.36 3.11 3.74
N GLY A 32 -2.27 3.61 3.18
CA GLY A 32 -1.22 2.75 2.70
C GLY A 32 0.05 2.90 3.48
N HIS A 33 0.77 1.81 3.67
CA HIS A 33 2.01 1.83 4.41
C HIS A 33 3.07 1.01 3.69
N CYS A 34 4.22 1.61 3.52
CA CYS A 34 5.34 0.96 2.85
C CYS A 34 5.91 -0.14 3.72
N SER A 35 6.05 -1.33 3.16
CA SER A 35 6.60 -2.46 3.90
C SER A 35 8.11 -2.33 4.07
N LYS A 36 8.66 -3.09 5.00
CA LYS A 36 10.10 -3.06 5.26
C LYS A 36 10.83 -4.07 4.38
N ILE A 37 10.17 -5.21 4.13
CA ILE A 37 10.75 -6.29 3.33
C ILE A 37 11.26 -5.83 1.97
N LEU A 38 10.38 -5.22 1.17
CA LEU A 38 10.77 -4.77 -0.16
C LEU A 38 10.20 -3.39 -0.46
N ARG A 39 9.82 -2.71 0.60
CA ARG A 39 9.23 -1.37 0.51
C ARG A 39 8.01 -1.34 -0.40
N ARG A 40 7.30 -2.46 -0.49
CA ARG A 40 6.10 -2.51 -1.29
C ARG A 40 5.00 -1.72 -0.61
N CYS A 41 4.17 -1.04 -1.39
CA CYS A 41 3.10 -0.23 -0.85
C CYS A 41 1.92 -1.09 -0.39
N LEU A 42 1.89 -1.40 0.90
CA LEU A 42 0.81 -2.19 1.46
C LEU A 42 -0.38 -1.30 1.79
N CYS A 43 -1.48 -1.51 1.10
CA CYS A 43 -2.67 -0.73 1.35
C CYS A 43 -3.55 -1.45 2.37
N THR A 44 -4.03 -0.72 3.35
CA THR A 44 -4.86 -1.30 4.38
C THR A 44 -6.20 -0.59 4.50
N LYS A 45 -7.24 -1.39 4.71
CA LYS A 45 -8.59 -0.89 4.88
C LYS A 45 -9.42 -1.97 5.54
N GLU A 46 -10.73 -1.93 5.35
CA GLU A 46 -11.59 -2.94 5.93
C GLU A 46 -12.51 -3.50 4.85
N CYS A 47 -12.78 -4.80 4.93
CA CYS A 47 -13.62 -5.47 3.96
C CYS A 47 -14.00 -6.86 4.47
N ALA A 1 -13.31 -5.91 8.21
CA ALA A 1 -11.92 -6.42 8.23
C ALA A 1 -10.97 -5.36 7.67
N THR A 2 -9.78 -5.80 7.28
CA THR A 2 -8.79 -4.89 6.73
C THR A 2 -7.97 -5.60 5.65
N CYS A 3 -8.11 -5.14 4.42
CA CYS A 3 -7.41 -5.72 3.30
C CYS A 3 -6.12 -4.97 3.01
N LYS A 4 -5.07 -5.72 2.70
CA LYS A 4 -3.77 -5.13 2.42
C LYS A 4 -3.19 -5.73 1.14
N ALA A 5 -2.71 -4.86 0.27
CA ALA A 5 -2.11 -5.27 -1.00
C ALA A 5 -1.38 -4.09 -1.61
N GLU A 6 -0.27 -4.34 -2.28
CA GLU A 6 0.51 -3.29 -2.90
C GLU A 6 -0.32 -2.62 -4.00
N CYS A 7 -0.12 -1.33 -4.17
CA CYS A 7 -0.87 -0.59 -5.19
C CYS A 7 -0.58 -1.18 -6.56
N PRO A 8 -1.66 -1.52 -7.31
CA PRO A 8 -1.54 -2.12 -8.65
C PRO A 8 -0.69 -1.27 -9.58
N THR A 9 -0.83 0.04 -9.48
CA THR A 9 -0.07 0.95 -10.32
C THR A 9 1.16 1.47 -9.57
N TRP A 10 1.87 0.58 -8.90
CA TRP A 10 3.06 0.98 -8.15
C TRP A 10 4.11 -0.11 -8.16
N ASP A 11 5.25 0.19 -8.75
CA ASP A 11 6.36 -0.74 -8.80
C ASP A 11 7.66 0.06 -8.87
N SER A 12 7.95 0.75 -7.78
CA SER A 12 9.13 1.59 -7.68
C SER A 12 9.51 1.78 -6.22
N VAL A 13 10.69 2.34 -5.97
CA VAL A 13 11.16 2.56 -4.62
C VAL A 13 10.49 3.79 -4.01
N CYS A 14 9.89 3.60 -2.85
CA CYS A 14 9.20 4.66 -2.14
C CYS A 14 10.19 5.64 -1.51
N ILE A 15 9.93 6.92 -1.70
CA ILE A 15 10.76 7.97 -1.12
C ILE A 15 10.08 8.55 0.12
N ASN A 16 8.76 8.65 0.04
CA ASN A 16 7.94 9.16 1.14
C ASN A 16 6.62 8.40 1.12
N LYS A 17 5.90 8.41 2.23
CA LYS A 17 4.64 7.68 2.32
C LYS A 17 3.51 8.37 1.52
N LYS A 18 3.56 9.70 1.39
CA LYS A 18 2.51 10.43 0.67
C LYS A 18 2.25 9.89 -0.76
N PRO A 19 3.29 9.61 -1.60
CA PRO A 19 3.05 9.06 -2.95
C PRO A 19 2.30 7.74 -2.89
N CYS A 20 2.68 6.92 -1.90
CA CYS A 20 2.06 5.62 -1.70
C CYS A 20 0.58 5.81 -1.36
N VAL A 21 0.29 6.71 -0.42
CA VAL A 21 -1.08 7.00 -0.01
C VAL A 21 -1.91 7.44 -1.20
N ALA A 22 -1.30 8.22 -2.10
CA ALA A 22 -1.99 8.70 -3.29
C ALA A 22 -2.39 7.53 -4.17
N CYS A 23 -1.44 6.63 -4.42
CA CYS A 23 -1.69 5.45 -5.24
C CYS A 23 -2.77 4.61 -4.59
N CYS A 24 -2.65 4.42 -3.29
CA CYS A 24 -3.59 3.64 -2.51
C CYS A 24 -4.97 4.29 -2.50
N LYS A 25 -5.02 5.62 -2.41
CA LYS A 25 -6.29 6.34 -2.37
C LYS A 25 -7.07 6.15 -3.67
N LYS A 26 -6.39 6.30 -4.81
CA LYS A 26 -7.04 6.11 -6.10
C LYS A 26 -7.44 4.65 -6.29
N ALA A 27 -6.70 3.75 -5.64
CA ALA A 27 -6.99 2.32 -5.72
C ALA A 27 -8.05 1.93 -4.69
N LYS A 28 -8.66 2.94 -4.09
CA LYS A 28 -9.71 2.76 -3.08
C LYS A 28 -9.16 2.07 -1.82
N PHE A 29 -8.22 2.72 -1.18
CA PHE A 29 -7.62 2.22 0.06
C PHE A 29 -7.60 3.36 1.07
N SER A 30 -7.75 3.02 2.34
CA SER A 30 -7.76 4.02 3.41
C SER A 30 -6.44 4.75 3.54
N ASP A 31 -5.35 3.99 3.58
CA ASP A 31 -4.03 4.56 3.72
C ASP A 31 -2.97 3.57 3.26
N GLY A 32 -1.97 4.09 2.57
CA GLY A 32 -0.89 3.26 2.07
C GLY A 32 0.38 3.43 2.86
N HIS A 33 1.08 2.33 3.06
CA HIS A 33 2.33 2.34 3.81
C HIS A 33 3.44 1.72 2.98
N CYS A 34 4.57 2.41 2.92
CA CYS A 34 5.72 1.94 2.16
C CYS A 34 6.32 0.69 2.79
N SER A 35 6.70 -0.25 1.94
CA SER A 35 7.32 -1.48 2.38
C SER A 35 8.73 -1.21 2.88
N LYS A 36 9.18 -1.99 3.86
CA LYS A 36 10.52 -1.81 4.40
C LYS A 36 11.54 -2.64 3.63
N ILE A 37 11.13 -3.84 3.24
CA ILE A 37 12.02 -4.76 2.52
C ILE A 37 12.36 -4.26 1.11
N LEU A 38 11.38 -4.32 0.22
CA LEU A 38 11.60 -3.89 -1.16
C LEU A 38 11.35 -2.38 -1.31
N ARG A 39 10.81 -1.80 -0.26
CA ARG A 39 10.50 -0.38 -0.21
C ARG A 39 9.43 0.01 -1.24
N ARG A 40 8.49 -0.91 -1.48
CA ARG A 40 7.39 -0.63 -2.40
C ARG A 40 6.27 0.12 -1.69
N CYS A 41 5.02 -0.14 -2.06
CA CYS A 41 3.88 0.53 -1.44
C CYS A 41 2.75 -0.45 -1.17
N LEU A 42 2.46 -0.67 0.10
CA LEU A 42 1.39 -1.57 0.52
C LEU A 42 0.17 -0.76 0.92
N CYS A 43 -0.96 -1.06 0.31
CA CYS A 43 -2.19 -0.34 0.59
C CYS A 43 -3.08 -1.10 1.56
N THR A 44 -3.66 -0.38 2.50
CA THR A 44 -4.56 -0.98 3.48
C THR A 44 -5.91 -0.27 3.43
N LYS A 45 -6.98 -1.01 3.62
CA LYS A 45 -8.33 -0.44 3.60
C LYS A 45 -9.34 -1.34 4.28
N GLU A 46 -10.56 -0.84 4.32
CA GLU A 46 -11.68 -1.50 4.92
C GLU A 46 -12.25 -2.59 3.99
N CYS A 47 -12.64 -3.73 4.55
CA CYS A 47 -13.22 -4.82 3.76
C CYS A 47 -13.84 -5.84 4.69
N ALA A 1 -7.85 -9.25 11.81
CA ALA A 1 -8.84 -8.30 11.25
C ALA A 1 -8.12 -7.10 10.62
N THR A 2 -7.06 -7.38 9.89
CA THR A 2 -6.30 -6.33 9.22
C THR A 2 -5.62 -6.86 7.97
N CYS A 3 -5.88 -6.22 6.85
CA CYS A 3 -5.30 -6.61 5.58
C CYS A 3 -4.16 -5.68 5.18
N LYS A 4 -3.05 -6.27 4.77
CA LYS A 4 -1.87 -5.50 4.37
C LYS A 4 -1.33 -6.07 3.06
N ALA A 5 -1.06 -5.17 2.12
CA ALA A 5 -0.51 -5.56 0.83
C ALA A 5 0.11 -4.35 0.16
N GLU A 6 1.29 -4.53 -0.42
CA GLU A 6 1.98 -3.44 -1.08
C GLU A 6 1.22 -3.07 -2.34
N CYS A 7 1.22 -1.79 -2.65
CA CYS A 7 0.55 -1.27 -3.84
C CYS A 7 0.91 -2.11 -5.07
N PRO A 8 -0.11 -2.65 -5.77
CA PRO A 8 0.09 -3.50 -6.94
C PRO A 8 0.94 -2.80 -8.01
N THR A 9 0.62 -1.54 -8.24
CA THR A 9 1.35 -0.74 -9.21
C THR A 9 2.50 0.00 -8.53
N TRP A 10 3.28 -0.72 -7.73
CA TRP A 10 4.39 -0.11 -7.02
C TRP A 10 5.63 -1.00 -7.06
N ASP A 11 6.68 -0.48 -7.67
CA ASP A 11 7.94 -1.18 -7.78
C ASP A 11 9.08 -0.26 -7.40
N SER A 12 8.75 0.99 -7.11
CA SER A 12 9.75 1.99 -6.75
C SER A 12 9.81 2.21 -5.24
N VAL A 13 10.53 3.25 -4.86
CA VAL A 13 10.71 3.61 -3.46
C VAL A 13 9.59 4.54 -2.98
N CYS A 14 8.96 4.18 -1.86
CA CYS A 14 7.90 5.00 -1.29
C CYS A 14 8.52 6.11 -0.46
N ILE A 15 8.53 7.31 -1.01
CA ILE A 15 9.12 8.45 -0.31
C ILE A 15 8.04 9.27 0.38
N ASN A 16 7.03 9.68 -0.37
CA ASN A 16 5.94 10.46 0.17
C ASN A 16 4.72 9.59 0.41
N LYS A 17 3.98 9.88 1.46
CA LYS A 17 2.80 9.11 1.82
C LYS A 17 1.67 9.28 0.79
N LYS A 18 1.58 10.48 0.20
CA LYS A 18 0.55 10.77 -0.80
C LYS A 18 0.50 9.73 -1.93
N PRO A 19 1.61 9.51 -2.66
CA PRO A 19 1.65 8.51 -3.76
C PRO A 19 1.13 7.14 -3.32
N CYS A 20 1.58 6.72 -2.14
CA CYS A 20 1.18 5.44 -1.58
C CYS A 20 -0.32 5.41 -1.31
N VAL A 21 -0.82 6.41 -0.58
CA VAL A 21 -2.24 6.51 -0.27
C VAL A 21 -3.07 6.54 -1.55
N ALA A 22 -2.55 7.21 -2.57
CA ALA A 22 -3.23 7.29 -3.86
C ALA A 22 -3.40 5.90 -4.45
N CYS A 23 -2.34 5.10 -4.39
CA CYS A 23 -2.41 3.73 -4.91
C CYS A 23 -3.33 2.90 -4.05
N CYS A 24 -3.20 3.04 -2.76
CA CYS A 24 -4.01 2.29 -1.82
C CYS A 24 -5.49 2.56 -2.02
N LYS A 25 -5.87 3.83 -2.19
CA LYS A 25 -7.27 4.17 -2.40
C LYS A 25 -7.79 3.61 -3.73
N LYS A 26 -6.97 3.65 -4.78
CA LYS A 26 -7.40 3.12 -6.08
C LYS A 26 -7.52 1.59 -6.01
N ALA A 27 -6.82 0.99 -5.05
CA ALA A 27 -6.85 -0.46 -4.86
C ALA A 27 -7.86 -0.83 -3.76
N LYS A 28 -8.63 0.17 -3.34
CA LYS A 28 -9.66 0.01 -2.32
C LYS A 28 -9.08 -0.36 -0.95
N PHE A 29 -8.14 0.46 -0.48
CA PHE A 29 -7.50 0.28 0.83
C PHE A 29 -7.73 1.54 1.65
N SER A 30 -7.87 1.39 2.95
CA SER A 30 -8.13 2.50 3.85
C SER A 30 -6.98 3.51 3.90
N ASP A 31 -5.75 3.03 4.01
CA ASP A 31 -4.60 3.92 4.07
C ASP A 31 -3.32 3.25 3.59
N GLY A 32 -2.40 4.06 3.09
CA GLY A 32 -1.12 3.56 2.61
C GLY A 32 0.05 4.14 3.38
N HIS A 33 1.05 3.32 3.63
CA HIS A 33 2.22 3.76 4.37
C HIS A 33 3.49 3.11 3.84
N CYS A 34 4.54 3.90 3.72
CA CYS A 34 5.82 3.40 3.25
C CYS A 34 6.44 2.48 4.30
N SER A 35 6.99 1.36 3.87
CA SER A 35 7.61 0.42 4.81
C SER A 35 9.03 0.84 5.16
N LYS A 36 9.61 0.15 6.13
CA LYS A 36 10.96 0.44 6.58
C LYS A 36 12.00 -0.36 5.79
N ILE A 37 11.62 -1.55 5.34
CA ILE A 37 12.52 -2.43 4.60
C ILE A 37 12.87 -1.86 3.22
N LEU A 38 12.29 -2.46 2.18
CA LEU A 38 12.54 -2.04 0.80
C LEU A 38 11.86 -0.71 0.49
N ARG A 39 11.26 -0.14 1.51
CA ARG A 39 10.57 1.13 1.40
C ARG A 39 9.40 1.03 0.43
N ARG A 40 8.78 -0.15 0.38
CA ARG A 40 7.63 -0.37 -0.49
C ARG A 40 6.38 0.28 0.10
N CYS A 41 5.43 0.63 -0.77
CA CYS A 41 4.18 1.22 -0.34
C CYS A 41 3.25 0.15 0.21
N LEU A 42 3.07 0.13 1.51
CA LEU A 42 2.20 -0.86 2.16
C LEU A 42 0.80 -0.31 2.34
N CYS A 43 -0.18 -0.98 1.77
CA CYS A 43 -1.55 -0.57 1.91
C CYS A 43 -2.20 -1.37 3.03
N THR A 44 -2.92 -0.68 3.89
CA THR A 44 -3.56 -1.34 5.02
C THR A 44 -5.04 -0.98 5.10
N LYS A 45 -5.84 -1.97 5.47
CA LYS A 45 -7.28 -1.80 5.61
C LYS A 45 -7.84 -2.90 6.47
N GLU A 46 -8.99 -2.65 7.06
CA GLU A 46 -9.64 -3.63 7.92
C GLU A 46 -10.33 -4.70 7.07
N CYS A 47 -10.33 -5.92 7.60
CA CYS A 47 -10.95 -7.06 6.92
C CYS A 47 -11.14 -8.19 7.92
N ALA A 1 -10.43 -7.10 11.59
CA ALA A 1 -11.21 -6.23 10.68
C ALA A 1 -10.28 -5.30 9.90
N THR A 2 -9.15 -5.83 9.47
CA THR A 2 -8.17 -5.07 8.71
C THR A 2 -7.39 -6.00 7.80
N CYS A 3 -7.37 -5.70 6.51
CA CYS A 3 -6.67 -6.54 5.55
C CYS A 3 -5.53 -5.79 4.88
N LYS A 4 -4.36 -6.45 4.83
CA LYS A 4 -3.18 -5.87 4.21
C LYS A 4 -2.82 -6.67 2.95
N ALA A 5 -2.65 -5.96 1.86
CA ALA A 5 -2.28 -6.56 0.60
C ALA A 5 -1.66 -5.51 -0.28
N GLU A 6 -0.46 -5.77 -0.78
CA GLU A 6 0.23 -4.83 -1.63
C GLU A 6 -0.56 -4.63 -2.90
N CYS A 7 -0.55 -3.39 -3.39
CA CYS A 7 -1.31 -3.06 -4.60
C CYS A 7 -0.97 -4.03 -5.74
N PRO A 8 -1.99 -4.63 -6.36
CA PRO A 8 -1.81 -5.60 -7.45
C PRO A 8 -0.92 -5.07 -8.56
N THR A 9 -1.13 -3.81 -8.92
CA THR A 9 -0.34 -3.18 -9.96
C THR A 9 0.86 -2.47 -9.34
N TRP A 10 1.58 -3.17 -8.49
CA TRP A 10 2.73 -2.60 -7.82
C TRP A 10 3.71 -3.69 -7.42
N ASP A 11 4.98 -3.43 -7.67
CA ASP A 11 6.06 -4.38 -7.36
C ASP A 11 7.34 -3.64 -7.03
N SER A 12 7.49 -2.48 -7.63
CA SER A 12 8.67 -1.65 -7.48
C SER A 12 8.77 -0.99 -6.10
N VAL A 13 9.90 -0.34 -5.88
CA VAL A 13 10.18 0.36 -4.63
C VAL A 13 9.44 1.69 -4.56
N CYS A 14 8.74 1.92 -3.46
CA CYS A 14 7.98 3.14 -3.25
C CYS A 14 8.86 4.25 -2.70
N ILE A 15 8.71 5.45 -3.25
CA ILE A 15 9.47 6.60 -2.80
C ILE A 15 8.61 7.46 -1.87
N ASN A 16 7.42 7.79 -2.34
CA ASN A 16 6.49 8.62 -1.57
C ASN A 16 5.15 7.90 -1.35
N LYS A 17 4.49 8.23 -0.24
CA LYS A 17 3.21 7.62 0.14
C LYS A 17 2.10 7.91 -0.88
N LYS A 18 2.11 9.09 -1.49
CA LYS A 18 1.07 9.47 -2.46
C LYS A 18 0.85 8.38 -3.53
N PRO A 19 1.89 8.00 -4.31
CA PRO A 19 1.75 6.95 -5.34
C PRO A 19 1.11 5.68 -4.81
N CYS A 20 1.53 5.30 -3.61
CA CYS A 20 1.00 4.10 -2.95
C CYS A 20 -0.49 4.25 -2.68
N VAL A 21 -0.86 5.35 -2.03
CA VAL A 21 -2.26 5.61 -1.71
C VAL A 21 -3.12 5.59 -2.97
N ALA A 22 -2.61 6.19 -4.05
CA ALA A 22 -3.33 6.22 -5.32
C ALA A 22 -3.59 4.81 -5.82
N CYS A 23 -2.56 3.97 -5.74
CA CYS A 23 -2.68 2.58 -6.17
C CYS A 23 -3.70 1.85 -5.30
N CYS A 24 -3.59 2.07 -4.01
CA CYS A 24 -4.48 1.45 -3.03
C CYS A 24 -5.92 1.93 -3.21
N LYS A 25 -6.10 3.21 -3.48
CA LYS A 25 -7.44 3.77 -3.65
C LYS A 25 -8.14 3.19 -4.87
N LYS A 26 -7.42 3.07 -5.99
CA LYS A 26 -8.01 2.50 -7.20
C LYS A 26 -8.33 1.02 -6.98
N ALA A 27 -7.52 0.36 -6.15
CA ALA A 27 -7.72 -1.07 -5.86
C ALA A 27 -8.74 -1.25 -4.72
N LYS A 28 -9.32 -0.13 -4.28
CA LYS A 28 -10.31 -0.12 -3.21
C LYS A 28 -9.70 -0.52 -1.88
N PHE A 29 -8.88 0.36 -1.35
CA PHE A 29 -8.24 0.15 -0.05
C PHE A 29 -8.36 1.44 0.77
N SER A 30 -8.49 1.30 2.08
CA SER A 30 -8.65 2.44 2.98
C SER A 30 -7.45 3.39 2.89
N ASP A 31 -6.26 2.84 2.93
CA ASP A 31 -5.04 3.64 2.86
C ASP A 31 -3.85 2.79 2.43
N GLY A 32 -2.92 3.42 1.74
CA GLY A 32 -1.74 2.74 1.28
C GLY A 32 -0.51 3.16 2.05
N HIS A 33 0.29 2.18 2.46
CA HIS A 33 1.50 2.47 3.20
C HIS A 33 2.66 1.66 2.65
N CYS A 34 3.71 2.36 2.31
CA CYS A 34 4.89 1.72 1.78
C CYS A 34 5.66 1.03 2.89
N SER A 35 6.16 -0.18 2.60
CA SER A 35 6.87 -0.95 3.59
C SER A 35 8.28 -0.40 3.85
N LYS A 36 9.16 -1.23 4.39
CA LYS A 36 10.52 -0.80 4.69
C LYS A 36 11.54 -1.73 4.04
N ILE A 37 11.34 -3.04 4.16
CA ILE A 37 12.27 -4.02 3.60
C ILE A 37 12.26 -3.97 2.07
N LEU A 38 11.16 -4.41 1.47
CA LEU A 38 11.04 -4.39 0.02
C LEU A 38 10.63 -2.99 -0.44
N ARG A 39 10.08 -2.23 0.51
CA ARG A 39 9.65 -0.85 0.28
C ARG A 39 8.53 -0.79 -0.76
N ARG A 40 7.82 -1.90 -0.93
CA ARG A 40 6.70 -1.93 -1.86
C ARG A 40 5.45 -1.34 -1.21
N CYS A 41 4.49 -0.97 -2.03
CA CYS A 41 3.25 -0.35 -1.55
C CYS A 41 2.28 -1.37 -0.93
N LEU A 42 2.18 -1.32 0.40
CA LEU A 42 1.25 -2.20 1.12
C LEU A 42 -0.07 -1.48 1.29
N CYS A 43 -1.15 -2.09 0.83
CA CYS A 43 -2.46 -1.48 0.96
C CYS A 43 -3.24 -2.11 2.10
N THR A 44 -3.90 -1.28 2.89
CA THR A 44 -4.70 -1.75 4.00
C THR A 44 -6.13 -1.27 3.85
N LYS A 45 -7.08 -2.13 4.20
CA LYS A 45 -8.49 -1.78 4.10
C LYS A 45 -9.33 -2.59 5.07
N GLU A 46 -10.63 -2.32 5.00
CA GLU A 46 -11.60 -2.98 5.85
C GLU A 46 -11.93 -4.38 5.34
N CYS A 47 -12.25 -5.26 6.28
CA CYS A 47 -12.61 -6.64 5.98
C CYS A 47 -13.00 -7.32 7.29
N ALA A 1 -10.23 -9.01 12.42
CA ALA A 1 -10.98 -7.94 11.71
C ALA A 1 -10.01 -6.94 11.07
N THR A 2 -8.94 -7.47 10.49
CA THR A 2 -7.94 -6.64 9.84
C THR A 2 -7.24 -7.43 8.74
N CYS A 3 -7.24 -6.90 7.53
CA CYS A 3 -6.61 -7.57 6.40
C CYS A 3 -5.41 -6.78 5.88
N LYS A 4 -4.33 -7.49 5.58
CA LYS A 4 -3.12 -6.87 5.07
C LYS A 4 -2.60 -7.64 3.87
N ALA A 5 -2.32 -6.91 2.80
CA ALA A 5 -1.81 -7.50 1.58
C ALA A 5 -1.13 -6.41 0.76
N GLU A 6 0.04 -6.72 0.22
CA GLU A 6 0.78 -5.74 -0.58
C GLU A 6 -0.02 -5.43 -1.83
N CYS A 7 -0.06 -4.17 -2.21
CA CYS A 7 -0.81 -3.75 -3.39
C CYS A 7 -0.41 -4.58 -4.60
N PRO A 8 -1.40 -5.19 -5.28
CA PRO A 8 -1.18 -6.04 -6.46
C PRO A 8 -0.37 -5.31 -7.53
N THR A 9 -0.72 -4.06 -7.77
CA THR A 9 -0.02 -3.26 -8.76
C THR A 9 1.15 -2.52 -8.13
N TRP A 10 1.93 -3.23 -7.32
CA TRP A 10 3.07 -2.63 -6.65
C TRP A 10 4.22 -3.63 -6.55
N ASP A 11 5.35 -3.30 -7.15
CA ASP A 11 6.51 -4.16 -7.10
C ASP A 11 7.76 -3.29 -7.19
N SER A 12 7.83 -2.32 -6.30
CA SER A 12 8.95 -1.39 -6.27
C SER A 12 9.18 -0.86 -4.86
N VAL A 13 10.27 -0.14 -4.67
CA VAL A 13 10.61 0.43 -3.38
C VAL A 13 9.80 1.70 -3.13
N CYS A 14 9.21 1.78 -1.95
CA CYS A 14 8.40 2.92 -1.57
C CYS A 14 9.20 4.21 -1.53
N ILE A 15 8.68 5.24 -2.17
CA ILE A 15 9.32 6.55 -2.19
C ILE A 15 8.65 7.46 -1.16
N ASN A 16 7.38 7.16 -0.89
CA ASN A 16 6.58 7.93 0.06
C ASN A 16 5.31 7.15 0.38
N LYS A 17 4.65 7.49 1.47
CA LYS A 17 3.41 6.81 1.86
C LYS A 17 2.28 7.11 0.87
N LYS A 18 2.28 8.33 0.32
CA LYS A 18 1.25 8.75 -0.63
C LYS A 18 1.10 7.74 -1.78
N PRO A 19 2.19 7.42 -2.53
CA PRO A 19 2.13 6.44 -3.63
C PRO A 19 1.50 5.13 -3.19
N CYS A 20 1.90 4.66 -2.01
CA CYS A 20 1.39 3.42 -1.45
C CYS A 20 -0.11 3.52 -1.20
N VAL A 21 -0.53 4.57 -0.50
CA VAL A 21 -1.94 4.80 -0.20
C VAL A 21 -2.76 4.85 -1.48
N ALA A 22 -2.22 5.48 -2.51
CA ALA A 22 -2.89 5.58 -3.80
C ALA A 22 -3.12 4.20 -4.39
N CYS A 23 -2.09 3.36 -4.32
CA CYS A 23 -2.17 2.00 -4.83
C CYS A 23 -3.22 1.22 -4.04
N CYS A 24 -3.18 1.38 -2.73
CA CYS A 24 -4.12 0.72 -1.85
C CYS A 24 -5.54 1.21 -2.08
N LYS A 25 -5.70 2.50 -2.35
CA LYS A 25 -7.02 3.06 -2.59
C LYS A 25 -7.64 2.48 -3.86
N LYS A 26 -6.85 2.37 -4.93
CA LYS A 26 -7.37 1.80 -6.18
C LYS A 26 -7.63 0.30 -5.98
N ALA A 27 -6.92 -0.30 -5.03
CA ALA A 27 -7.08 -1.72 -4.72
C ALA A 27 -8.24 -1.94 -3.76
N LYS A 28 -8.87 -0.83 -3.34
CA LYS A 28 -10.01 -0.85 -2.42
C LYS A 28 -9.60 -1.20 -0.99
N PHE A 29 -8.52 -0.58 -0.52
CA PHE A 29 -8.03 -0.80 0.84
C PHE A 29 -8.16 0.49 1.65
N SER A 30 -8.40 0.35 2.95
CA SER A 30 -8.58 1.49 3.85
C SER A 30 -7.37 2.43 3.84
N ASP A 31 -6.17 1.87 3.96
CA ASP A 31 -4.94 2.67 3.97
C ASP A 31 -3.72 1.80 3.73
N GLY A 32 -2.74 2.36 3.03
CA GLY A 32 -1.53 1.63 2.72
C GLY A 32 -0.34 2.13 3.50
N HIS A 33 0.50 1.19 3.92
CA HIS A 33 1.70 1.51 4.68
C HIS A 33 2.89 0.74 4.12
N CYS A 34 3.97 1.45 3.88
CA CYS A 34 5.17 0.83 3.36
C CYS A 34 5.88 0.02 4.43
N SER A 35 6.42 -1.13 4.04
CA SER A 35 7.11 -2.00 4.99
C SER A 35 8.52 -1.50 5.29
N LYS A 36 9.34 -2.36 5.89
CA LYS A 36 10.71 -1.98 6.22
C LYS A 36 11.74 -2.84 5.47
N ILE A 37 11.30 -3.98 4.96
CA ILE A 37 12.19 -4.88 4.23
C ILE A 37 12.42 -4.36 2.81
N LEU A 38 11.72 -4.95 1.84
CA LEU A 38 11.84 -4.55 0.45
C LEU A 38 11.15 -3.21 0.22
N ARG A 39 10.54 -2.71 1.28
CA ARG A 39 9.83 -1.44 1.28
C ARG A 39 8.58 -1.53 0.40
N ARG A 40 7.99 -2.73 0.36
CA ARG A 40 6.77 -2.97 -0.40
C ARG A 40 5.60 -2.23 0.23
N CYS A 41 4.62 -1.89 -0.58
CA CYS A 41 3.43 -1.19 -0.10
C CYS A 41 2.43 -2.17 0.50
N LEU A 42 2.34 -2.21 1.80
CA LEU A 42 1.41 -3.09 2.49
C LEU A 42 0.07 -2.40 2.63
N CYS A 43 -0.95 -2.96 2.03
CA CYS A 43 -2.28 -2.37 2.11
C CYS A 43 -3.07 -3.01 3.24
N THR A 44 -3.68 -2.16 4.06
CA THR A 44 -4.48 -2.63 5.16
C THR A 44 -5.93 -2.24 4.95
N LYS A 45 -6.84 -3.09 5.37
CA LYS A 45 -8.26 -2.82 5.21
C LYS A 45 -9.06 -3.62 6.23
N GLU A 46 -10.30 -3.23 6.38
CA GLU A 46 -11.22 -3.89 7.30
C GLU A 46 -11.77 -5.17 6.67
N CYS A 47 -12.00 -6.16 7.51
CA CYS A 47 -12.51 -7.45 7.07
C CYS A 47 -12.89 -8.27 8.29
N ALA A 1 -10.19 -10.43 10.80
CA ALA A 1 -10.85 -9.19 10.34
C ALA A 1 -9.82 -8.15 9.95
N THR A 2 -8.76 -8.59 9.29
CA THR A 2 -7.70 -7.70 8.84
C THR A 2 -7.01 -8.27 7.60
N CYS A 3 -7.01 -7.50 6.53
CA CYS A 3 -6.38 -7.94 5.29
C CYS A 3 -5.19 -7.05 4.95
N LYS A 4 -4.11 -7.67 4.48
CA LYS A 4 -2.90 -6.95 4.14
C LYS A 4 -2.13 -7.66 3.03
N ALA A 5 -1.92 -6.96 1.92
CA ALA A 5 -1.20 -7.48 0.78
C ALA A 5 -0.73 -6.32 -0.08
N GLU A 6 0.36 -6.51 -0.81
CA GLU A 6 0.90 -5.45 -1.65
C GLU A 6 -0.08 -5.12 -2.78
N CYS A 7 -0.16 -3.83 -3.09
CA CYS A 7 -1.06 -3.34 -4.13
C CYS A 7 -0.84 -4.10 -5.44
N PRO A 8 -1.92 -4.66 -6.00
CA PRO A 8 -1.85 -5.42 -7.26
C PRO A 8 -1.27 -4.60 -8.40
N THR A 9 -1.68 -3.34 -8.49
CA THR A 9 -1.19 -2.46 -9.54
C THR A 9 0.04 -1.70 -9.07
N TRP A 10 0.96 -2.41 -8.43
CA TRP A 10 2.18 -1.79 -7.94
C TRP A 10 3.33 -2.78 -8.01
N ASP A 11 4.38 -2.38 -8.70
CA ASP A 11 5.57 -3.21 -8.84
C ASP A 11 6.78 -2.31 -9.02
N SER A 12 7.02 -1.46 -8.03
CA SER A 12 8.12 -0.52 -8.05
C SER A 12 8.64 -0.31 -6.63
N VAL A 13 9.77 0.37 -6.52
CA VAL A 13 10.37 0.63 -5.22
C VAL A 13 9.65 1.76 -4.50
N CYS A 14 9.26 1.48 -3.27
CA CYS A 14 8.56 2.46 -2.43
C CYS A 14 9.48 3.62 -2.08
N ILE A 15 9.07 4.81 -2.49
CA ILE A 15 9.84 6.02 -2.23
C ILE A 15 9.27 6.76 -1.02
N ASN A 16 7.95 6.69 -0.88
CA ASN A 16 7.27 7.35 0.23
C ASN A 16 5.91 6.73 0.46
N LYS A 17 5.30 7.01 1.60
CA LYS A 17 3.99 6.45 1.94
C LYS A 17 2.88 6.90 0.98
N LYS A 18 2.89 8.19 0.60
CA LYS A 18 1.86 8.73 -0.29
C LYS A 18 1.62 7.89 -1.56
N PRO A 19 2.66 7.59 -2.39
CA PRO A 19 2.48 6.78 -3.59
C PRO A 19 1.82 5.43 -3.29
N CYS A 20 2.30 4.79 -2.23
CA CYS A 20 1.76 3.52 -1.79
C CYS A 20 0.29 3.67 -1.42
N VAL A 21 -0.01 4.70 -0.63
CA VAL A 21 -1.36 4.99 -0.20
C VAL A 21 -2.27 5.17 -1.41
N ALA A 22 -1.80 5.89 -2.42
CA ALA A 22 -2.57 6.12 -3.62
C ALA A 22 -2.96 4.80 -4.28
N CYS A 23 -2.00 3.89 -4.38
CA CYS A 23 -2.27 2.58 -4.96
C CYS A 23 -3.29 1.82 -4.10
N CYS A 24 -3.09 1.88 -2.81
CA CYS A 24 -3.97 1.21 -1.86
C CYS A 24 -5.38 1.79 -1.93
N LYS A 25 -5.48 3.11 -2.09
CA LYS A 25 -6.79 3.77 -2.16
C LYS A 25 -7.56 3.32 -3.40
N LYS A 26 -6.90 3.29 -4.55
CA LYS A 26 -7.55 2.86 -5.79
C LYS A 26 -7.92 1.38 -5.71
N ALA A 27 -7.16 0.63 -4.91
CA ALA A 27 -7.40 -0.79 -4.73
C ALA A 27 -8.52 -1.04 -3.72
N LYS A 28 -9.05 0.05 -3.17
CA LYS A 28 -10.14 0.02 -2.20
C LYS A 28 -9.67 -0.52 -0.85
N PHE A 29 -8.50 -0.06 -0.41
CA PHE A 29 -7.93 -0.44 0.87
C PHE A 29 -8.02 0.75 1.82
N SER A 30 -8.13 0.50 3.12
CA SER A 30 -8.22 1.59 4.10
C SER A 30 -6.99 2.48 4.06
N ASP A 31 -5.82 1.86 3.97
CA ASP A 31 -4.56 2.60 3.89
C ASP A 31 -3.42 1.67 3.54
N GLY A 32 -2.34 2.24 3.03
CA GLY A 32 -1.18 1.45 2.66
C GLY A 32 0.06 1.90 3.40
N HIS A 33 1.04 1.00 3.48
CA HIS A 33 2.28 1.30 4.17
C HIS A 33 3.47 0.74 3.41
N CYS A 34 4.57 1.45 3.44
CA CYS A 34 5.79 1.05 2.77
C CYS A 34 6.25 -0.32 3.31
N SER A 35 6.81 -1.14 2.42
CA SER A 35 7.28 -2.46 2.82
C SER A 35 8.79 -2.46 3.05
N LYS A 36 9.39 -3.64 2.94
CA LYS A 36 10.83 -3.78 3.13
C LYS A 36 11.40 -4.93 2.31
N ILE A 37 10.66 -6.02 2.23
CA ILE A 37 11.08 -7.21 1.48
C ILE A 37 11.41 -6.86 0.04
N LEU A 38 10.38 -6.68 -0.76
CA LEU A 38 10.56 -6.31 -2.17
C LEU A 38 10.54 -4.80 -2.27
N ARG A 39 10.13 -4.18 -1.17
CA ARG A 39 10.04 -2.74 -1.04
C ARG A 39 9.01 -2.15 -2.00
N ARG A 40 7.92 -2.88 -2.23
CA ARG A 40 6.89 -2.40 -3.12
C ARG A 40 5.87 -1.53 -2.36
N CYS A 41 4.81 -2.15 -1.84
CA CYS A 41 3.78 -1.40 -1.11
C CYS A 41 2.70 -2.33 -0.53
N LEU A 42 2.72 -2.52 0.78
CA LEU A 42 1.72 -3.36 1.44
C LEU A 42 0.49 -2.55 1.82
N CYS A 43 -0.66 -2.96 1.30
CA CYS A 43 -1.91 -2.28 1.59
C CYS A 43 -2.66 -3.03 2.68
N THR A 44 -3.27 -2.28 3.58
CA THR A 44 -4.05 -2.85 4.67
C THR A 44 -5.50 -2.42 4.56
N LYS A 45 -6.42 -3.31 4.91
CA LYS A 45 -7.83 -2.99 4.84
C LYS A 45 -8.65 -3.94 5.71
N GLU A 46 -9.91 -3.57 5.92
CA GLU A 46 -10.83 -4.36 6.71
C GLU A 46 -11.39 -5.50 5.87
N CYS A 47 -11.73 -6.59 6.55
CA CYS A 47 -12.29 -7.78 5.90
C CYS A 47 -12.69 -8.78 6.97
N ALA A 1 -10.06 -6.37 13.63
CA ALA A 1 -10.24 -6.42 12.17
C ALA A 1 -9.18 -5.57 11.47
N THR A 2 -7.93 -5.75 11.88
CA THR A 2 -6.83 -5.00 11.30
C THR A 2 -6.08 -5.90 10.33
N CYS A 3 -6.19 -5.61 9.03
CA CYS A 3 -5.55 -6.44 8.02
C CYS A 3 -4.49 -5.68 7.23
N LYS A 4 -3.34 -6.33 7.06
CA LYS A 4 -2.22 -5.76 6.33
C LYS A 4 -1.73 -6.76 5.28
N ALA A 5 -1.61 -6.29 4.05
CA ALA A 5 -1.12 -7.11 2.96
C ALA A 5 -0.61 -6.22 1.85
N GLU A 6 0.61 -6.47 1.40
CA GLU A 6 1.20 -5.67 0.35
C GLU A 6 0.40 -5.85 -0.92
N CYS A 7 0.21 -4.76 -1.65
CA CYS A 7 -0.56 -4.79 -2.88
C CYS A 7 -0.07 -5.90 -3.80
N PRO A 8 -0.98 -6.80 -4.23
CA PRO A 8 -0.64 -7.94 -5.10
C PRO A 8 0.09 -7.49 -6.36
N THR A 9 -0.38 -6.40 -6.95
CA THR A 9 0.24 -5.87 -8.15
C THR A 9 1.31 -4.85 -7.79
N TRP A 10 2.13 -5.18 -6.79
CA TRP A 10 3.19 -4.29 -6.36
C TRP A 10 4.36 -5.06 -5.80
N ASP A 11 5.24 -5.47 -6.68
CA ASP A 11 6.43 -6.21 -6.30
C ASP A 11 7.64 -5.28 -6.35
N SER A 12 7.43 -4.10 -6.91
CA SER A 12 8.48 -3.11 -7.07
C SER A 12 8.71 -2.30 -5.79
N VAL A 13 9.62 -1.34 -5.89
CA VAL A 13 9.98 -0.47 -4.77
C VAL A 13 9.02 0.72 -4.66
N CYS A 14 8.50 0.94 -3.46
CA CYS A 14 7.59 2.05 -3.21
C CYS A 14 8.38 3.35 -3.04
N ILE A 15 8.01 4.36 -3.81
CA ILE A 15 8.70 5.66 -3.74
C ILE A 15 7.92 6.64 -2.88
N ASN A 16 6.59 6.62 -3.01
CA ASN A 16 5.74 7.53 -2.26
C ASN A 16 4.44 6.85 -1.86
N LYS A 17 3.76 7.41 -0.87
CA LYS A 17 2.50 6.87 -0.38
C LYS A 17 1.41 6.94 -1.45
N LYS A 18 1.42 8.01 -2.25
CA LYS A 18 0.41 8.18 -3.30
C LYS A 18 0.30 6.94 -4.20
N PRO A 19 1.40 6.49 -4.85
CA PRO A 19 1.37 5.29 -5.70
C PRO A 19 0.86 4.07 -4.95
N CYS A 20 1.33 3.95 -3.71
CA CYS A 20 0.94 2.85 -2.84
C CYS A 20 -0.57 2.85 -2.59
N VAL A 21 -1.10 4.00 -2.18
CA VAL A 21 -2.54 4.14 -1.93
C VAL A 21 -3.33 3.78 -3.17
N ALA A 22 -2.81 4.12 -4.34
CA ALA A 22 -3.47 3.81 -5.60
C ALA A 22 -3.56 2.30 -5.80
N CYS A 23 -2.46 1.61 -5.54
CA CYS A 23 -2.41 0.16 -5.67
C CYS A 23 -3.34 -0.47 -4.63
N CYS A 24 -3.27 0.04 -3.42
CA CYS A 24 -4.10 -0.45 -2.34
C CYS A 24 -5.57 -0.19 -2.62
N LYS A 25 -5.86 0.95 -3.25
CA LYS A 25 -7.23 1.31 -3.56
C LYS A 25 -7.83 0.35 -4.58
N LYS A 26 -7.07 0.03 -5.63
CA LYS A 26 -7.55 -0.90 -6.64
C LYS A 26 -7.69 -2.31 -6.04
N ALA A 27 -6.89 -2.58 -5.01
CA ALA A 27 -6.92 -3.86 -4.31
C ALA A 27 -8.07 -3.90 -3.30
N LYS A 28 -8.80 -2.79 -3.23
CA LYS A 28 -9.96 -2.61 -2.34
C LYS A 28 -9.53 -2.50 -0.87
N PHE A 29 -8.39 -1.85 -0.64
CA PHE A 29 -7.89 -1.64 0.71
C PHE A 29 -8.18 -0.21 1.15
N SER A 30 -8.39 -0.03 2.44
CA SER A 30 -8.71 1.27 3.00
C SER A 30 -7.60 2.30 2.75
N ASP A 31 -6.37 1.93 3.04
CA ASP A 31 -5.23 2.84 2.85
C ASP A 31 -3.92 2.07 2.73
N GLY A 32 -3.02 2.59 1.91
CA GLY A 32 -1.73 1.97 1.71
C GLY A 32 -0.60 2.76 2.33
N HIS A 33 0.35 2.09 2.92
CA HIS A 33 1.48 2.75 3.55
C HIS A 33 2.80 2.14 3.10
N CYS A 34 3.73 3.02 2.75
CA CYS A 34 5.05 2.62 2.31
C CYS A 34 5.84 2.02 3.48
N SER A 35 6.49 0.89 3.25
CA SER A 35 7.23 0.23 4.32
C SER A 35 8.67 0.75 4.43
N LYS A 36 9.54 -0.08 4.99
CA LYS A 36 10.94 0.28 5.17
C LYS A 36 11.88 -0.85 4.73
N ILE A 37 11.44 -2.09 4.93
CA ILE A 37 12.25 -3.27 4.57
C ILE A 37 12.55 -3.31 3.08
N LEU A 38 11.77 -4.11 2.35
CA LEU A 38 11.94 -4.26 0.92
C LEU A 38 11.28 -3.10 0.19
N ARG A 39 10.77 -2.17 0.98
CA ARG A 39 10.11 -0.98 0.50
C ARG A 39 8.85 -1.33 -0.29
N ARG A 40 8.20 -2.42 0.10
CA ARG A 40 6.98 -2.86 -0.54
C ARG A 40 5.81 -1.98 -0.10
N CYS A 41 4.77 -1.94 -0.93
CA CYS A 41 3.58 -1.16 -0.62
C CYS A 41 2.63 -1.97 0.26
N LEU A 42 2.65 -1.70 1.56
CA LEU A 42 1.80 -2.41 2.50
C LEU A 42 0.41 -1.80 2.50
N CYS A 43 -0.59 -2.61 2.21
CA CYS A 43 -1.96 -2.13 2.19
C CYS A 43 -2.69 -2.58 3.46
N THR A 44 -3.44 -1.67 4.05
CA THR A 44 -4.19 -1.98 5.25
C THR A 44 -5.68 -1.75 5.02
N LYS A 45 -6.49 -2.63 5.57
CA LYS A 45 -7.94 -2.54 5.45
C LYS A 45 -8.60 -3.36 6.53
N GLU A 46 -9.89 -3.11 6.71
CA GLU A 46 -10.69 -3.80 7.69
C GLU A 46 -11.12 -5.17 7.15
N CYS A 47 -10.81 -6.23 7.89
CA CYS A 47 -11.19 -7.58 7.50
C CYS A 47 -11.00 -8.52 8.69
N ALA A 1 -9.42 -7.87 12.47
CA ALA A 1 -10.32 -7.00 11.69
C ALA A 1 -9.52 -5.94 10.94
N THR A 2 -8.41 -6.35 10.34
CA THR A 2 -7.56 -5.44 9.59
C THR A 2 -6.82 -6.21 8.51
N CYS A 3 -6.94 -5.76 7.27
CA CYS A 3 -6.29 -6.44 6.16
C CYS A 3 -5.24 -5.54 5.50
N LYS A 4 -4.04 -6.08 5.35
CA LYS A 4 -2.92 -5.36 4.75
C LYS A 4 -2.45 -6.10 3.51
N ALA A 5 -2.21 -5.36 2.43
CA ALA A 5 -1.74 -5.92 1.18
C ALA A 5 -1.18 -4.82 0.30
N GLU A 6 -0.04 -5.07 -0.31
CA GLU A 6 0.59 -4.09 -1.17
C GLU A 6 -0.30 -3.87 -2.40
N CYS A 7 -0.42 -2.62 -2.81
CA CYS A 7 -1.25 -2.27 -3.96
C CYS A 7 -0.83 -3.09 -5.17
N PRO A 8 -1.78 -3.84 -5.77
CA PRO A 8 -1.51 -4.69 -6.94
C PRO A 8 -0.90 -3.89 -8.09
N THR A 9 -1.45 -2.70 -8.31
CA THR A 9 -0.96 -1.82 -9.36
C THR A 9 0.20 -0.97 -8.84
N TRP A 10 1.12 -1.59 -8.12
CA TRP A 10 2.25 -0.88 -7.56
C TRP A 10 3.49 -1.76 -7.48
N ASP A 11 4.56 -1.31 -8.13
CA ASP A 11 5.82 -2.02 -8.11
C ASP A 11 6.95 -1.03 -8.28
N SER A 12 7.11 -0.18 -7.27
CA SER A 12 8.13 0.85 -7.30
C SER A 12 8.38 1.37 -5.88
N VAL A 13 9.30 2.31 -5.76
CA VAL A 13 9.66 2.88 -4.46
C VAL A 13 8.62 3.91 -4.03
N CYS A 14 7.97 3.64 -2.91
CA CYS A 14 6.97 4.55 -2.36
C CYS A 14 7.66 5.67 -1.60
N ILE A 15 7.67 6.86 -2.18
CA ILE A 15 8.30 8.00 -1.55
C ILE A 15 7.26 8.87 -0.85
N ASN A 16 6.29 9.33 -1.62
CA ASN A 16 5.21 10.16 -1.09
C ASN A 16 4.01 9.28 -0.77
N LYS A 17 3.27 9.65 0.27
CA LYS A 17 2.10 8.90 0.69
C LYS A 17 0.95 9.02 -0.32
N LYS A 18 0.83 10.19 -0.96
CA LYS A 18 -0.23 10.43 -1.93
C LYS A 18 -0.30 9.31 -2.99
N PRO A 19 0.81 9.01 -3.71
CA PRO A 19 0.83 7.95 -4.72
C PRO A 19 0.34 6.62 -4.18
N CYS A 20 0.78 6.29 -2.98
CA CYS A 20 0.41 5.05 -2.32
C CYS A 20 -1.09 5.02 -1.99
N VAL A 21 -1.55 6.02 -1.25
CA VAL A 21 -2.97 6.11 -0.88
C VAL A 21 -3.85 6.02 -2.12
N ALA A 22 -3.48 6.77 -3.15
CA ALA A 22 -4.24 6.77 -4.40
C ALA A 22 -4.31 5.37 -5.00
N CYS A 23 -3.18 4.67 -4.96
CA CYS A 23 -3.10 3.32 -5.47
C CYS A 23 -4.05 2.43 -4.68
N CYS A 24 -3.97 2.58 -3.37
CA CYS A 24 -4.80 1.82 -2.44
C CYS A 24 -6.28 2.10 -2.66
N LYS A 25 -6.62 3.36 -2.91
CA LYS A 25 -8.01 3.74 -3.13
C LYS A 25 -8.57 3.02 -4.35
N LYS A 26 -7.79 2.95 -5.43
CA LYS A 26 -8.24 2.28 -6.64
C LYS A 26 -8.35 0.77 -6.38
N ALA A 27 -7.50 0.27 -5.50
CA ALA A 27 -7.49 -1.15 -5.14
C ALA A 27 -8.58 -1.46 -4.12
N LYS A 28 -9.39 -0.44 -3.81
CA LYS A 28 -10.49 -0.57 -2.87
C LYS A 28 -9.98 -0.77 -1.44
N PHE A 29 -9.02 0.05 -1.04
CA PHE A 29 -8.45 0.02 0.30
C PHE A 29 -8.64 1.40 0.95
N SER A 30 -8.83 1.40 2.26
CA SER A 30 -9.05 2.65 2.98
C SER A 30 -7.75 3.44 3.19
N ASP A 31 -6.69 2.74 3.55
CA ASP A 31 -5.39 3.38 3.83
C ASP A 31 -4.28 2.88 2.91
N GLY A 32 -3.27 3.71 2.76
CA GLY A 32 -2.11 3.40 1.95
C GLY A 32 -0.87 4.02 2.54
N HIS A 33 0.16 3.21 2.76
CA HIS A 33 1.39 3.71 3.36
C HIS A 33 2.61 2.95 2.86
N CYS A 34 3.70 3.68 2.67
CA CYS A 34 4.96 3.09 2.21
C CYS A 34 5.53 2.16 3.28
N SER A 35 6.19 1.09 2.85
CA SER A 35 6.78 0.13 3.79
C SER A 35 8.24 0.48 4.11
N LYS A 36 8.97 -0.51 4.58
CA LYS A 36 10.37 -0.33 4.95
C LYS A 36 11.29 -1.18 4.07
N ILE A 37 10.83 -2.37 3.70
CA ILE A 37 11.63 -3.30 2.91
C ILE A 37 11.85 -2.76 1.48
N LEU A 38 11.10 -3.30 0.52
CA LEU A 38 11.24 -2.88 -0.88
C LEU A 38 10.54 -1.55 -1.10
N ARG A 39 10.09 -0.96 -0.01
CA ARG A 39 9.40 0.32 -0.02
C ARG A 39 8.12 0.25 -0.86
N ARG A 40 7.52 -0.94 -0.90
CA ARG A 40 6.27 -1.13 -1.63
C ARG A 40 5.12 -0.41 -0.94
N CYS A 41 4.11 -0.06 -1.70
CA CYS A 41 2.94 0.61 -1.15
C CYS A 41 2.04 -0.37 -0.43
N LEU A 42 1.97 -0.26 0.89
CA LEU A 42 1.14 -1.13 1.70
C LEU A 42 -0.24 -0.54 1.85
N CYS A 43 -1.24 -1.30 1.47
CA CYS A 43 -2.61 -0.86 1.58
C CYS A 43 -3.29 -1.57 2.74
N THR A 44 -4.00 -0.81 3.55
CA THR A 44 -4.67 -1.37 4.70
C THR A 44 -6.13 -0.96 4.73
N LYS A 45 -6.96 -1.82 5.25
CA LYS A 45 -8.39 -1.55 5.35
C LYS A 45 -9.05 -2.49 6.35
N GLU A 46 -10.31 -2.25 6.60
CA GLU A 46 -11.10 -3.06 7.51
C GLU A 46 -11.55 -4.35 6.82
N CYS A 47 -11.73 -5.39 7.63
CA CYS A 47 -12.16 -6.69 7.15
C CYS A 47 -12.46 -7.58 8.33
N ALA A 1 -12.25 -7.41 9.17
CA ALA A 1 -10.84 -7.81 9.07
C ALA A 1 -10.04 -6.70 8.39
N THR A 2 -8.72 -6.84 8.39
CA THR A 2 -7.85 -5.86 7.78
C THR A 2 -7.00 -6.53 6.71
N CYS A 3 -7.34 -6.26 5.46
CA CYS A 3 -6.63 -6.83 4.32
C CYS A 3 -5.49 -5.92 3.88
N LYS A 4 -4.35 -6.52 3.59
CA LYS A 4 -3.19 -5.78 3.15
C LYS A 4 -2.57 -6.41 1.91
N ALA A 5 -2.49 -5.63 0.84
CA ALA A 5 -1.92 -6.08 -0.41
C ALA A 5 -1.35 -4.88 -1.15
N GLU A 6 -0.24 -5.08 -1.83
CA GLU A 6 0.41 -4.02 -2.58
C GLU A 6 -0.48 -3.58 -3.73
N CYS A 7 -0.52 -2.27 -3.95
CA CYS A 7 -1.35 -1.70 -5.01
C CYS A 7 -1.03 -2.37 -6.34
N PRO A 8 -2.05 -2.90 -7.04
CA PRO A 8 -1.88 -3.60 -8.32
C PRO A 8 -1.08 -2.79 -9.33
N THR A 9 -1.33 -1.49 -9.36
CA THR A 9 -0.62 -0.60 -10.26
C THR A 9 0.59 0.00 -9.56
N TRP A 10 1.41 -0.86 -8.96
CA TRP A 10 2.59 -0.42 -8.25
C TRP A 10 3.60 -1.56 -8.16
N ASP A 11 4.86 -1.23 -8.37
CA ASP A 11 5.95 -2.20 -8.32
C ASP A 11 7.25 -1.54 -7.89
N SER A 12 7.37 -0.26 -8.21
CA SER A 12 8.55 0.51 -7.90
C SER A 12 8.69 0.84 -6.41
N VAL A 13 9.82 1.47 -6.08
CA VAL A 13 10.13 1.86 -4.72
C VAL A 13 9.37 3.13 -4.32
N CYS A 14 8.71 3.07 -3.17
CA CYS A 14 7.95 4.20 -2.66
C CYS A 14 8.87 5.32 -2.19
N ILE A 15 8.63 6.52 -2.68
CA ILE A 15 9.43 7.67 -2.32
C ILE A 15 8.71 8.50 -1.24
N ASN A 16 7.39 8.41 -1.21
CA ASN A 16 6.59 9.15 -0.24
C ASN A 16 5.27 8.43 0.05
N LYS A 17 4.73 8.66 1.24
CA LYS A 17 3.47 8.05 1.67
C LYS A 17 2.31 8.47 0.78
N LYS A 18 2.26 9.74 0.38
CA LYS A 18 1.17 10.27 -0.45
C LYS A 18 0.94 9.43 -1.72
N PRO A 19 1.96 9.21 -2.58
CA PRO A 19 1.79 8.40 -3.80
C PRO A 19 1.15 7.04 -3.52
N CYS A 20 1.59 6.42 -2.44
CA CYS A 20 1.07 5.13 -2.03
C CYS A 20 -0.40 5.24 -1.67
N VAL A 21 -0.73 6.21 -0.82
CA VAL A 21 -2.12 6.43 -0.41
C VAL A 21 -3.01 6.68 -1.63
N ALA A 22 -2.49 7.43 -2.59
CA ALA A 22 -3.25 7.73 -3.81
C ALA A 22 -3.58 6.44 -4.57
N CYS A 23 -2.57 5.58 -4.73
CA CYS A 23 -2.76 4.31 -5.43
C CYS A 23 -3.78 3.45 -4.67
N CYS A 24 -3.60 3.39 -3.37
CA CYS A 24 -4.47 2.62 -2.49
C CYS A 24 -5.88 3.19 -2.46
N LYS A 25 -5.98 4.52 -2.46
CA LYS A 25 -7.27 5.18 -2.41
C LYS A 25 -8.11 4.86 -3.64
N LYS A 26 -7.50 4.98 -4.83
CA LYS A 26 -8.22 4.67 -6.06
C LYS A 26 -8.57 3.18 -6.14
N ALA A 27 -7.75 2.35 -5.50
CA ALA A 27 -7.98 0.91 -5.49
C ALA A 27 -8.95 0.52 -4.38
N LYS A 28 -9.51 1.53 -3.71
CA LYS A 28 -10.46 1.36 -2.62
C LYS A 28 -9.80 0.69 -1.41
N PHE A 29 -8.90 1.42 -0.79
CA PHE A 29 -8.20 0.94 0.40
C PHE A 29 -8.24 2.04 1.46
N SER A 30 -8.30 1.64 2.72
CA SER A 30 -8.35 2.59 3.83
C SER A 30 -7.12 3.50 3.83
N ASP A 31 -5.95 2.89 3.71
CA ASP A 31 -4.70 3.63 3.66
C ASP A 31 -3.59 2.75 3.11
N GLY A 32 -2.60 3.39 2.51
CA GLY A 32 -1.48 2.67 1.95
C GLY A 32 -0.21 2.98 2.70
N HIS A 33 0.63 1.97 2.87
CA HIS A 33 1.89 2.15 3.58
C HIS A 33 3.02 1.44 2.87
N CYS A 34 4.11 2.14 2.71
CA CYS A 34 5.28 1.60 2.04
C CYS A 34 5.98 0.58 2.94
N SER A 35 6.34 -0.57 2.36
CA SER A 35 6.98 -1.64 3.12
C SER A 35 8.44 -1.31 3.44
N LYS A 36 9.10 -2.23 4.12
CA LYS A 36 10.50 -2.04 4.51
C LYS A 36 11.46 -2.64 3.50
N ILE A 37 11.03 -3.71 2.83
CA ILE A 37 11.87 -4.40 1.85
C ILE A 37 12.07 -3.57 0.59
N LEU A 38 11.34 -3.90 -0.47
CA LEU A 38 11.45 -3.18 -1.74
C LEU A 38 10.76 -1.83 -1.68
N ARG A 39 10.27 -1.50 -0.50
CA ARG A 39 9.58 -0.24 -0.26
C ARG A 39 8.32 -0.15 -1.12
N ARG A 40 7.71 -1.31 -1.38
CA ARG A 40 6.49 -1.37 -2.18
C ARG A 40 5.32 -0.74 -1.44
N CYS A 41 4.32 -0.31 -2.20
CA CYS A 41 3.14 0.32 -1.62
C CYS A 41 2.13 -0.73 -1.16
N LEU A 42 2.15 -1.05 0.13
CA LEU A 42 1.23 -2.01 0.70
C LEU A 42 -0.05 -1.31 1.13
N CYS A 43 -1.16 -1.67 0.50
CA CYS A 43 -2.43 -1.07 0.80
C CYS A 43 -3.19 -1.87 1.85
N THR A 44 -3.77 -1.18 2.80
CA THR A 44 -4.55 -1.81 3.86
C THR A 44 -5.99 -1.31 3.81
N LYS A 45 -6.94 -2.20 4.07
CA LYS A 45 -8.36 -1.83 4.05
C LYS A 45 -9.20 -2.82 4.82
N GLU A 46 -10.47 -2.49 4.92
CA GLU A 46 -11.43 -3.31 5.63
C GLU A 46 -11.89 -4.49 4.77
N CYS A 47 -12.15 -5.61 5.42
CA CYS A 47 -12.60 -6.81 4.74
C CYS A 47 -13.14 -7.80 5.76
N ALA A 1 -8.87 -7.54 13.01
CA ALA A 1 -9.72 -6.58 12.29
C ALA A 1 -8.86 -5.59 11.51
N THR A 2 -7.83 -6.09 10.85
CA THR A 2 -6.93 -5.26 10.06
C THR A 2 -6.33 -6.07 8.93
N CYS A 3 -6.52 -5.61 7.71
CA CYS A 3 -6.01 -6.31 6.55
C CYS A 3 -4.91 -5.51 5.86
N LYS A 4 -3.85 -6.21 5.45
CA LYS A 4 -2.73 -5.59 4.78
C LYS A 4 -2.48 -6.26 3.44
N ALA A 5 -2.26 -5.45 2.42
CA ALA A 5 -1.99 -5.95 1.08
C ALA A 5 -1.35 -4.87 0.24
N GLU A 6 -0.37 -5.24 -0.56
CA GLU A 6 0.33 -4.30 -1.41
C GLU A 6 -0.64 -3.73 -2.44
N CYS A 7 -0.51 -2.46 -2.74
CA CYS A 7 -1.40 -1.82 -3.71
C CYS A 7 -1.36 -2.56 -5.03
N PRO A 8 -2.52 -2.98 -5.56
CA PRO A 8 -2.63 -3.71 -6.82
C PRO A 8 -1.94 -2.98 -7.98
N THR A 9 -2.08 -1.66 -8.01
CA THR A 9 -1.47 -0.87 -9.05
C THR A 9 -0.15 -0.27 -8.59
N TRP A 10 0.68 -1.08 -7.95
CA TRP A 10 1.97 -0.63 -7.45
C TRP A 10 3.06 -1.61 -7.84
N ASP A 11 4.06 -1.12 -8.55
CA ASP A 11 5.18 -1.94 -8.98
C ASP A 11 6.43 -1.07 -9.02
N SER A 12 6.77 -0.50 -7.88
CA SER A 12 7.91 0.39 -7.76
C SER A 12 8.33 0.51 -6.30
N VAL A 13 9.49 1.11 -6.08
CA VAL A 13 10.00 1.31 -4.74
C VAL A 13 9.29 2.50 -4.09
N CYS A 14 8.73 2.27 -2.91
CA CYS A 14 8.01 3.31 -2.19
C CYS A 14 8.99 4.32 -1.61
N ILE A 15 8.91 5.56 -2.05
CA ILE A 15 9.80 6.60 -1.57
C ILE A 15 9.13 7.42 -0.48
N ASN A 16 7.95 7.93 -0.79
CA ASN A 16 7.19 8.73 0.16
C ASN A 16 5.87 8.04 0.49
N LYS A 17 5.36 8.31 1.68
CA LYS A 17 4.11 7.71 2.14
C LYS A 17 2.91 8.17 1.29
N LYS A 18 2.93 9.44 0.87
CA LYS A 18 1.83 10.00 0.06
C LYS A 18 1.48 9.11 -1.15
N PRO A 19 2.45 8.81 -2.06
CA PRO A 19 2.18 7.96 -3.23
C PRO A 19 1.52 6.64 -2.85
N CYS A 20 2.01 6.04 -1.79
CA CYS A 20 1.49 4.78 -1.30
C CYS A 20 0.05 4.94 -0.82
N VAL A 21 -0.18 5.93 0.04
CA VAL A 21 -1.51 6.21 0.58
C VAL A 21 -2.50 6.46 -0.57
N ALA A 22 -2.07 7.22 -1.56
CA ALA A 22 -2.93 7.52 -2.71
C ALA A 22 -3.31 6.23 -3.43
N CYS A 23 -2.32 5.38 -3.66
CA CYS A 23 -2.54 4.09 -4.32
C CYS A 23 -3.50 3.25 -3.50
N CYS A 24 -3.30 3.27 -2.20
CA CYS A 24 -4.13 2.51 -1.29
C CYS A 24 -5.57 3.00 -1.27
N LYS A 25 -5.77 4.31 -1.19
CA LYS A 25 -7.11 4.87 -1.15
C LYS A 25 -7.89 4.57 -2.42
N LYS A 26 -7.23 4.67 -3.57
CA LYS A 26 -7.91 4.35 -4.83
C LYS A 26 -8.23 2.85 -4.89
N ALA A 27 -7.36 2.04 -4.28
CA ALA A 27 -7.55 0.59 -4.23
C ALA A 27 -8.52 0.21 -3.11
N LYS A 28 -9.11 1.23 -2.49
CA LYS A 28 -10.10 1.07 -1.43
C LYS A 28 -9.45 0.57 -0.12
N PHE A 29 -8.47 1.33 0.37
CA PHE A 29 -7.78 1.03 1.61
C PHE A 29 -7.75 2.28 2.47
N SER A 30 -7.78 2.11 3.79
CA SER A 30 -7.78 3.23 4.71
C SER A 30 -6.49 4.05 4.63
N ASP A 31 -5.35 3.38 4.65
CA ASP A 31 -4.05 4.06 4.59
C ASP A 31 -2.95 3.10 4.17
N GLY A 32 -1.94 3.61 3.47
CA GLY A 32 -0.84 2.78 3.03
C GLY A 32 0.47 3.16 3.66
N HIS A 33 1.36 2.19 3.75
CA HIS A 33 2.67 2.40 4.35
C HIS A 33 3.75 1.67 3.56
N CYS A 34 4.86 2.35 3.31
CA CYS A 34 5.96 1.75 2.58
C CYS A 34 6.67 0.74 3.47
N SER A 35 6.83 -0.49 2.99
CA SER A 35 7.50 -1.52 3.77
C SER A 35 8.99 -1.21 3.86
N LYS A 36 9.66 -1.79 4.86
CA LYS A 36 11.08 -1.53 5.06
C LYS A 36 11.95 -2.53 4.28
N ILE A 37 11.49 -3.77 4.18
CA ILE A 37 12.26 -4.81 3.50
C ILE A 37 12.39 -4.56 1.99
N LEU A 38 11.31 -4.81 1.24
CA LEU A 38 11.36 -4.63 -0.22
C LEU A 38 11.01 -3.20 -0.59
N ARG A 39 10.55 -2.44 0.40
CA ARG A 39 10.17 -1.05 0.23
C ARG A 39 8.98 -0.91 -0.72
N ARG A 40 8.10 -1.90 -0.71
CA ARG A 40 6.90 -1.87 -1.54
C ARG A 40 5.75 -1.25 -0.75
N CYS A 41 4.77 -0.70 -1.45
CA CYS A 41 3.63 -0.05 -0.82
C CYS A 41 2.64 -1.06 -0.25
N LEU A 42 2.62 -1.17 1.07
CA LEU A 42 1.70 -2.06 1.76
C LEU A 42 0.50 -1.26 2.24
N CYS A 43 -0.69 -1.66 1.80
CA CYS A 43 -1.90 -0.96 2.17
C CYS A 43 -2.55 -1.60 3.39
N THR A 44 -3.10 -0.76 4.25
CA THR A 44 -3.76 -1.21 5.46
C THR A 44 -5.18 -0.69 5.52
N LYS A 45 -6.08 -1.51 6.00
CA LYS A 45 -7.48 -1.12 6.15
C LYS A 45 -8.21 -2.05 7.11
N GLU A 46 -9.42 -1.66 7.46
CA GLU A 46 -10.24 -2.43 8.37
C GLU A 46 -10.90 -3.60 7.64
N CYS A 47 -11.16 -4.66 8.40
CA CYS A 47 -11.78 -5.87 7.87
C CYS A 47 -12.14 -6.78 9.05
N ALA A 1 -12.07 -5.14 12.14
CA ALA A 1 -10.63 -5.45 12.18
C ALA A 1 -9.86 -4.52 11.26
N THR A 2 -8.67 -4.95 10.85
CA THR A 2 -7.83 -4.16 9.97
C THR A 2 -7.02 -5.08 9.06
N CYS A 3 -7.25 -4.95 7.77
CA CYS A 3 -6.58 -5.77 6.78
C CYS A 3 -5.36 -5.03 6.24
N LYS A 4 -4.26 -5.76 6.08
CA LYS A 4 -3.02 -5.19 5.58
C LYS A 4 -2.39 -6.09 4.53
N ALA A 5 -2.04 -5.49 3.40
CA ALA A 5 -1.41 -6.20 2.29
C ALA A 5 -0.87 -5.20 1.29
N GLU A 6 0.24 -5.53 0.65
CA GLU A 6 0.86 -4.64 -0.33
C GLU A 6 -0.06 -4.42 -1.51
N CYS A 7 -0.05 -3.21 -2.03
CA CYS A 7 -0.88 -2.85 -3.17
C CYS A 7 -0.59 -3.77 -4.35
N PRO A 8 -1.64 -4.40 -4.91
CA PRO A 8 -1.50 -5.33 -6.04
C PRO A 8 -0.84 -4.68 -7.25
N THR A 9 -1.24 -3.44 -7.55
CA THR A 9 -0.67 -2.72 -8.67
C THR A 9 0.57 -1.95 -8.26
N TRP A 10 1.45 -2.60 -7.52
CA TRP A 10 2.68 -1.96 -7.07
C TRP A 10 3.88 -2.88 -7.30
N ASP A 11 4.89 -2.33 -7.96
CA ASP A 11 6.12 -3.07 -8.24
C ASP A 11 7.28 -2.09 -8.32
N SER A 12 7.62 -1.52 -7.17
CA SER A 12 8.69 -0.54 -7.08
C SER A 12 9.02 -0.24 -5.63
N VAL A 13 10.09 0.50 -5.40
CA VAL A 13 10.52 0.86 -4.06
C VAL A 13 9.67 2.01 -3.53
N CYS A 14 8.95 1.77 -2.45
CA CYS A 14 8.12 2.80 -1.84
C CYS A 14 8.99 3.76 -1.05
N ILE A 15 9.19 4.95 -1.59
CA ILE A 15 10.01 5.95 -0.93
C ILE A 15 9.15 6.96 -0.18
N ASN A 16 8.12 7.45 -0.85
CA ASN A 16 7.21 8.40 -0.25
C ASN A 16 5.82 7.78 -0.11
N LYS A 17 5.09 8.19 0.92
CA LYS A 17 3.76 7.65 1.19
C LYS A 17 2.74 8.01 0.11
N LYS A 18 2.86 9.21 -0.47
CA LYS A 18 1.90 9.67 -1.50
C LYS A 18 1.66 8.59 -2.58
N PRO A 19 2.71 8.09 -3.27
CA PRO A 19 2.54 7.05 -4.31
C PRO A 19 1.83 5.81 -3.75
N CYS A 20 2.23 5.41 -2.57
CA CYS A 20 1.66 4.25 -1.89
C CYS A 20 0.18 4.47 -1.61
N VAL A 21 -0.15 5.61 -1.01
CA VAL A 21 -1.54 5.95 -0.68
C VAL A 21 -2.41 5.91 -1.93
N ALA A 22 -1.91 6.44 -3.03
CA ALA A 22 -2.64 6.44 -4.29
C ALA A 22 -2.92 5.01 -4.74
N CYS A 23 -1.91 4.16 -4.62
CA CYS A 23 -2.06 2.75 -5.00
C CYS A 23 -3.06 2.07 -4.07
N CYS A 24 -2.87 2.29 -2.79
CA CYS A 24 -3.73 1.72 -1.76
C CYS A 24 -5.18 2.12 -1.94
N LYS A 25 -5.43 3.40 -2.13
CA LYS A 25 -6.79 3.89 -2.29
C LYS A 25 -7.44 3.35 -3.56
N LYS A 26 -6.65 3.16 -4.62
CA LYS A 26 -7.20 2.61 -5.86
C LYS A 26 -7.62 1.16 -5.60
N ALA A 27 -6.88 0.49 -4.72
CA ALA A 27 -7.17 -0.91 -4.37
C ALA A 27 -8.18 -0.97 -3.22
N LYS A 28 -8.83 0.15 -2.95
CA LYS A 28 -9.84 0.26 -1.90
C LYS A 28 -9.24 0.09 -0.50
N PHE A 29 -8.27 0.93 -0.17
CA PHE A 29 -7.63 0.92 1.15
C PHE A 29 -7.65 2.33 1.73
N SER A 30 -7.79 2.43 3.04
CA SER A 30 -7.86 3.72 3.72
C SER A 30 -6.54 4.49 3.63
N ASP A 31 -5.43 3.80 3.88
CA ASP A 31 -4.12 4.44 3.83
C ASP A 31 -3.03 3.42 3.53
N GLY A 32 -1.92 3.91 3.01
CA GLY A 32 -0.79 3.06 2.67
C GLY A 32 0.47 3.48 3.37
N HIS A 33 1.44 2.58 3.45
CA HIS A 33 2.70 2.88 4.11
C HIS A 33 3.82 1.99 3.58
N CYS A 34 4.95 2.60 3.29
CA CYS A 34 6.12 1.89 2.80
C CYS A 34 6.70 1.02 3.91
N SER A 35 7.05 -0.22 3.59
CA SER A 35 7.62 -1.13 4.58
C SER A 35 9.11 -0.86 4.77
N LYS A 36 9.83 -1.89 5.21
CA LYS A 36 11.26 -1.77 5.45
C LYS A 36 12.07 -2.80 4.66
N ILE A 37 11.56 -4.02 4.58
CA ILE A 37 12.24 -5.11 3.88
C ILE A 37 12.46 -4.78 2.40
N LEU A 38 11.49 -5.14 1.56
CA LEU A 38 11.59 -4.89 0.13
C LEU A 38 11.04 -3.51 -0.20
N ARG A 39 10.72 -2.78 0.86
CA ARG A 39 10.17 -1.44 0.77
C ARG A 39 8.86 -1.44 -0.03
N ARG A 40 8.12 -2.54 0.10
CA ARG A 40 6.83 -2.69 -0.58
C ARG A 40 5.80 -1.71 -0.01
N CYS A 41 4.84 -1.33 -0.85
CA CYS A 41 3.77 -0.43 -0.43
C CYS A 41 2.68 -1.21 0.29
N LEU A 42 2.76 -1.25 1.61
CA LEU A 42 1.78 -1.97 2.42
C LEU A 42 0.53 -1.12 2.60
N CYS A 43 -0.60 -1.68 2.23
CA CYS A 43 -1.87 -0.97 2.35
C CYS A 43 -2.65 -1.48 3.55
N THR A 44 -3.35 -0.57 4.22
CA THR A 44 -4.13 -0.90 5.39
C THR A 44 -5.54 -0.33 5.28
N LYS A 45 -6.51 -1.10 5.74
CA LYS A 45 -7.90 -0.68 5.73
C LYS A 45 -8.71 -1.50 6.71
N GLU A 46 -9.88 -1.01 7.07
CA GLU A 46 -10.75 -1.71 7.99
C GLU A 46 -11.47 -2.85 7.28
N CYS A 47 -11.70 -3.93 8.01
CA CYS A 47 -12.37 -5.09 7.46
C CYS A 47 -12.97 -5.91 8.59
N ALA A 1 -8.75 -8.49 12.14
CA ALA A 1 -9.50 -7.35 11.58
C ALA A 1 -8.56 -6.37 10.88
N THR A 2 -7.59 -6.91 10.14
CA THR A 2 -6.62 -6.08 9.43
C THR A 2 -6.12 -6.82 8.20
N CYS A 3 -6.43 -6.31 7.03
CA CYS A 3 -6.02 -6.92 5.79
C CYS A 3 -4.98 -6.07 5.08
N LYS A 4 -3.99 -6.72 4.48
CA LYS A 4 -2.93 -6.00 3.78
C LYS A 4 -2.37 -6.82 2.64
N ALA A 5 -2.07 -6.13 1.55
CA ALA A 5 -1.52 -6.73 0.35
C ALA A 5 -0.97 -5.64 -0.55
N GLU A 6 0.07 -5.93 -1.30
CA GLU A 6 0.68 -4.94 -2.18
C GLU A 6 -0.34 -4.46 -3.21
N CYS A 7 -0.31 -3.16 -3.47
CA CYS A 7 -1.21 -2.55 -4.44
C CYS A 7 -1.06 -3.26 -5.79
N PRO A 8 -2.17 -3.78 -6.34
CA PRO A 8 -2.17 -4.51 -7.62
C PRO A 8 -1.50 -3.72 -8.73
N THR A 9 -1.74 -2.43 -8.76
CA THR A 9 -1.17 -1.55 -9.76
C THR A 9 0.13 -0.94 -9.25
N TRP A 10 1.00 -1.76 -8.70
CA TRP A 10 2.26 -1.28 -8.17
C TRP A 10 3.36 -2.31 -8.34
N ASP A 11 4.44 -1.88 -8.99
CA ASP A 11 5.60 -2.74 -9.22
C ASP A 11 6.84 -1.86 -9.28
N SER A 12 7.11 -1.20 -8.17
CA SER A 12 8.25 -0.29 -8.06
C SER A 12 8.71 -0.18 -6.62
N VAL A 13 9.86 0.47 -6.42
CA VAL A 13 10.41 0.64 -5.09
C VAL A 13 9.68 1.74 -4.33
N CYS A 14 9.06 1.36 -3.22
CA CYS A 14 8.33 2.30 -2.40
C CYS A 14 9.30 3.16 -1.60
N ILE A 15 9.55 4.37 -2.08
CA ILE A 15 10.47 5.28 -1.40
C ILE A 15 9.69 6.26 -0.55
N ASN A 16 8.73 6.93 -1.18
CA ASN A 16 7.89 7.89 -0.48
C ASN A 16 6.55 7.23 -0.16
N LYS A 17 6.02 7.51 1.03
CA LYS A 17 4.76 6.92 1.46
C LYS A 17 3.57 7.42 0.64
N LYS A 18 3.61 8.70 0.24
CA LYS A 18 2.50 9.29 -0.53
C LYS A 18 2.09 8.45 -1.74
N PRO A 19 3.02 8.11 -2.67
CA PRO A 19 2.70 7.30 -3.85
C PRO A 19 2.00 6.00 -3.48
N CYS A 20 2.52 5.35 -2.45
CA CYS A 20 1.95 4.10 -1.97
C CYS A 20 0.52 4.31 -1.48
N VAL A 21 0.34 5.29 -0.61
CA VAL A 21 -0.98 5.61 -0.07
C VAL A 21 -1.96 5.94 -1.20
N ALA A 22 -1.47 6.63 -2.22
CA ALA A 22 -2.30 6.99 -3.37
C ALA A 22 -2.81 5.74 -4.06
N CYS A 23 -1.91 4.79 -4.32
CA CYS A 23 -2.26 3.53 -4.97
C CYS A 23 -3.28 2.78 -4.12
N CYS A 24 -2.99 2.73 -2.83
CA CYS A 24 -3.84 2.04 -1.87
C CYS A 24 -5.23 2.66 -1.77
N LYS A 25 -5.30 3.98 -1.64
CA LYS A 25 -6.58 4.67 -1.53
C LYS A 25 -7.45 4.42 -2.75
N LYS A 26 -6.87 4.53 -3.95
CA LYS A 26 -7.65 4.29 -5.16
C LYS A 26 -8.03 2.82 -5.29
N ALA A 27 -7.25 1.95 -4.66
CA ALA A 27 -7.53 0.51 -4.68
C ALA A 27 -8.45 0.12 -3.53
N LYS A 28 -8.99 1.14 -2.86
CA LYS A 28 -9.91 0.97 -1.75
C LYS A 28 -9.23 0.35 -0.53
N PHE A 29 -8.20 1.03 -0.03
CA PHE A 29 -7.47 0.61 1.16
C PHE A 29 -7.33 1.81 2.09
N SER A 30 -7.33 1.56 3.39
CA SER A 30 -7.24 2.63 4.38
C SER A 30 -5.92 3.39 4.28
N ASP A 31 -4.80 2.66 4.20
CA ASP A 31 -3.48 3.30 4.12
C ASP A 31 -2.44 2.31 3.63
N GLY A 32 -1.49 2.81 2.85
CA GLY A 32 -0.43 1.96 2.33
C GLY A 32 0.91 2.25 2.98
N HIS A 33 1.75 1.22 3.05
CA HIS A 33 3.06 1.37 3.67
C HIS A 33 4.12 0.55 2.92
N CYS A 34 5.29 1.13 2.79
CA CYS A 34 6.39 0.46 2.11
C CYS A 34 6.87 -0.73 2.94
N SER A 35 7.18 -1.84 2.28
CA SER A 35 7.65 -3.03 2.98
C SER A 35 9.17 -3.02 3.10
N LYS A 36 9.70 -3.94 3.89
CA LYS A 36 11.14 -4.05 4.11
C LYS A 36 11.81 -4.96 3.08
N ILE A 37 11.04 -5.90 2.54
CA ILE A 37 11.57 -6.86 1.57
C ILE A 37 11.86 -6.20 0.22
N LEU A 38 11.02 -6.48 -0.78
CA LEU A 38 11.19 -5.93 -2.12
C LEU A 38 10.75 -4.46 -2.18
N ARG A 39 10.53 -3.89 -1.01
CA ARG A 39 10.09 -2.51 -0.87
C ARG A 39 8.77 -2.29 -1.59
N ARG A 40 7.96 -3.34 -1.65
CA ARG A 40 6.65 -3.27 -2.29
C ARG A 40 5.70 -2.41 -1.48
N CYS A 41 4.73 -1.79 -2.15
CA CYS A 41 3.74 -0.96 -1.48
C CYS A 41 2.63 -1.82 -0.90
N LEU A 42 2.72 -2.10 0.39
CA LEU A 42 1.70 -2.91 1.07
C LEU A 42 0.54 -2.06 1.52
N CYS A 43 -0.63 -2.34 0.98
CA CYS A 43 -1.83 -1.60 1.31
C CYS A 43 -2.55 -2.26 2.48
N THR A 44 -2.88 -1.47 3.49
CA THR A 44 -3.57 -1.98 4.66
C THR A 44 -4.96 -1.38 4.79
N LYS A 45 -5.89 -2.16 5.29
CA LYS A 45 -7.26 -1.70 5.50
C LYS A 45 -8.00 -2.59 6.49
N GLU A 46 -9.18 -2.14 6.87
CA GLU A 46 -10.03 -2.87 7.80
C GLU A 46 -10.75 -4.02 7.10
N CYS A 47 -11.04 -5.06 7.86
CA CYS A 47 -11.73 -6.25 7.36
C CYS A 47 -12.07 -7.14 8.53
N ALA A 1 -11.90 -4.09 14.02
CA ALA A 1 -10.58 -4.75 13.87
C ALA A 1 -9.72 -3.98 12.89
N THR A 2 -8.73 -4.64 12.32
CA THR A 2 -7.83 -4.00 11.37
C THR A 2 -7.35 -5.02 10.33
N CYS A 3 -7.80 -4.83 9.12
CA CYS A 3 -7.44 -5.70 8.01
C CYS A 3 -6.19 -5.18 7.31
N LYS A 4 -5.30 -6.10 6.96
CA LYS A 4 -4.06 -5.74 6.31
C LYS A 4 -3.75 -6.70 5.17
N ALA A 5 -3.49 -6.15 4.00
CA ALA A 5 -3.18 -6.92 2.81
C ALA A 5 -2.53 -6.00 1.79
N GLU A 6 -1.55 -6.52 1.06
CA GLU A 6 -0.86 -5.72 0.06
C GLU A 6 -1.79 -5.34 -1.07
N CYS A 7 -1.61 -4.14 -1.58
CA CYS A 7 -2.43 -3.63 -2.68
C CYS A 7 -2.32 -4.56 -3.89
N PRO A 8 -3.46 -5.02 -4.43
CA PRO A 8 -3.48 -5.94 -5.58
C PRO A 8 -2.79 -5.34 -6.80
N THR A 9 -3.00 -4.05 -7.02
CA THR A 9 -2.40 -3.36 -8.14
C THR A 9 -1.02 -2.82 -7.78
N TRP A 10 -0.18 -3.69 -7.22
CA TRP A 10 1.16 -3.28 -6.82
C TRP A 10 2.16 -4.39 -7.14
N ASP A 11 3.09 -4.08 -8.03
CA ASP A 11 4.11 -5.03 -8.45
C ASP A 11 5.44 -4.32 -8.67
N SER A 12 5.64 -3.24 -7.94
CA SER A 12 6.85 -2.46 -8.07
C SER A 12 7.46 -2.16 -6.70
N VAL A 13 8.73 -1.75 -6.70
CA VAL A 13 9.42 -1.43 -5.47
C VAL A 13 8.99 -0.05 -4.97
N CYS A 14 8.53 0.00 -3.73
CA CYS A 14 8.08 1.24 -3.14
C CYS A 14 9.25 2.15 -2.78
N ILE A 15 9.22 3.37 -3.30
CA ILE A 15 10.26 4.35 -3.05
C ILE A 15 9.79 5.36 -2.00
N ASN A 16 8.47 5.51 -1.89
CA ASN A 16 7.88 6.45 -0.95
C ASN A 16 6.50 5.94 -0.53
N LYS A 17 6.06 6.35 0.65
CA LYS A 17 4.76 5.95 1.19
C LYS A 17 3.61 6.45 0.30
N LYS A 18 3.81 7.60 -0.34
CA LYS A 18 2.79 8.22 -1.21
C LYS A 18 2.19 7.20 -2.21
N PRO A 19 3.01 6.57 -3.09
CA PRO A 19 2.52 5.59 -4.07
C PRO A 19 1.66 4.49 -3.42
N CYS A 20 2.12 4.02 -2.27
CA CYS A 20 1.42 2.96 -1.55
C CYS A 20 0.03 3.43 -1.10
N VAL A 21 -0.02 4.60 -0.46
CA VAL A 21 -1.28 5.16 0.00
C VAL A 21 -2.26 5.33 -1.16
N ALA A 22 -1.74 5.75 -2.31
CA ALA A 22 -2.56 5.93 -3.49
C ALA A 22 -3.19 4.60 -3.92
N CYS A 23 -2.36 3.57 -3.98
CA CYS A 23 -2.83 2.24 -4.35
C CYS A 23 -3.85 1.73 -3.34
N CYS A 24 -3.52 1.86 -2.08
CA CYS A 24 -4.38 1.42 -1.00
C CYS A 24 -5.74 2.11 -1.04
N LYS A 25 -5.74 3.41 -1.26
CA LYS A 25 -7.00 4.16 -1.31
C LYS A 25 -7.85 3.73 -2.49
N LYS A 26 -7.22 3.52 -3.65
CA LYS A 26 -7.97 3.07 -4.82
C LYS A 26 -8.42 1.62 -4.64
N ALA A 27 -7.79 0.93 -3.69
CA ALA A 27 -8.14 -0.46 -3.38
C ALA A 27 -9.15 -0.51 -2.24
N LYS A 28 -9.58 0.68 -1.81
CA LYS A 28 -10.55 0.84 -0.73
C LYS A 28 -9.95 0.47 0.64
N PHE A 29 -8.86 1.15 0.99
CA PHE A 29 -8.18 0.95 2.26
C PHE A 29 -7.93 2.31 2.92
N SER A 30 -7.92 2.35 4.25
CA SER A 30 -7.72 3.59 4.98
C SER A 30 -6.35 4.19 4.71
N ASP A 31 -5.30 3.38 4.80
CA ASP A 31 -3.93 3.84 4.57
C ASP A 31 -3.03 2.68 4.23
N GLY A 32 -1.98 2.97 3.46
CA GLY A 32 -1.05 1.93 3.07
C GLY A 32 0.36 2.19 3.56
N HIS A 33 1.07 1.12 3.87
CA HIS A 33 2.43 1.24 4.35
C HIS A 33 3.32 0.22 3.64
N CYS A 34 4.42 0.71 3.12
CA CYS A 34 5.37 -0.13 2.41
C CYS A 34 6.17 -0.97 3.39
N SER A 35 6.46 -2.21 3.02
CA SER A 35 7.23 -3.08 3.88
C SER A 35 8.73 -2.73 3.80
N LYS A 36 9.58 -3.64 4.23
CA LYS A 36 11.02 -3.39 4.20
C LYS A 36 11.73 -4.22 3.14
N ILE A 37 11.36 -5.50 3.04
CA ILE A 37 11.99 -6.42 2.09
C ILE A 37 11.81 -5.98 0.63
N LEU A 38 10.72 -6.41 0.01
CA LEU A 38 10.46 -6.08 -1.39
C LEU A 38 9.72 -4.75 -1.52
N ARG A 39 9.58 -4.07 -0.38
CA ARG A 39 8.89 -2.79 -0.33
C ARG A 39 7.44 -2.94 -0.78
N ARG A 40 6.87 -4.11 -0.53
CA ARG A 40 5.50 -4.40 -0.89
C ARG A 40 4.56 -3.46 -0.16
N CYS A 41 3.59 -2.93 -0.88
CA CYS A 41 2.63 -1.99 -0.33
C CYS A 41 1.55 -2.67 0.50
N LEU A 42 1.78 -2.79 1.80
CA LEU A 42 0.80 -3.40 2.69
C LEU A 42 -0.26 -2.38 3.05
N CYS A 43 -1.50 -2.66 2.69
CA CYS A 43 -2.59 -1.76 2.98
C CYS A 43 -3.27 -2.13 4.29
N THR A 44 -3.67 -1.12 5.04
CA THR A 44 -4.31 -1.32 6.32
C THR A 44 -5.60 -0.52 6.42
N LYS A 45 -6.62 -1.11 7.02
CA LYS A 45 -7.90 -0.45 7.18
C LYS A 45 -8.71 -1.14 8.27
N GLU A 46 -9.73 -0.44 8.74
CA GLU A 46 -10.60 -0.98 9.77
C GLU A 46 -11.60 -1.95 9.16
N CYS A 47 -11.96 -2.96 9.93
CA CYS A 47 -12.90 -3.98 9.47
C CYS A 47 -13.49 -4.70 10.67
N ALA A 1 -10.33 -7.09 10.42
CA ALA A 1 -10.97 -6.20 9.43
C ALA A 1 -9.99 -5.11 8.96
N THR A 2 -8.73 -5.49 8.77
CA THR A 2 -7.72 -4.55 8.33
C THR A 2 -6.62 -5.29 7.57
N CYS A 3 -6.81 -5.45 6.27
CA CYS A 3 -5.85 -6.18 5.45
C CYS A 3 -4.77 -5.26 4.90
N LYS A 4 -3.55 -5.79 4.82
CA LYS A 4 -2.42 -5.05 4.30
C LYS A 4 -1.71 -5.87 3.24
N ALA A 5 -1.35 -5.20 2.15
CA ALA A 5 -0.64 -5.83 1.04
C ALA A 5 -0.04 -4.73 0.17
N GLU A 6 1.24 -4.88 -0.17
CA GLU A 6 1.92 -3.87 -0.96
C GLU A 6 1.30 -3.77 -2.35
N CYS A 7 1.22 -2.55 -2.83
CA CYS A 7 0.68 -2.25 -4.15
C CYS A 7 1.32 -3.16 -5.19
N PRO A 8 0.51 -3.91 -5.95
CA PRO A 8 1.00 -4.85 -6.97
C PRO A 8 1.94 -4.18 -7.97
N THR A 9 1.58 -2.99 -8.40
CA THR A 9 2.38 -2.24 -9.34
C THR A 9 3.39 -1.35 -8.61
N TRP A 10 4.00 -1.88 -7.56
CA TRP A 10 4.98 -1.12 -6.79
C TRP A 10 6.14 -1.99 -6.37
N ASP A 11 7.32 -1.64 -6.86
CA ASP A 11 8.54 -2.36 -6.51
C ASP A 11 9.71 -1.39 -6.60
N SER A 12 9.59 -0.30 -5.86
CA SER A 12 10.61 0.74 -5.85
C SER A 12 10.55 1.50 -4.53
N VAL A 13 11.46 2.46 -4.37
CA VAL A 13 11.52 3.26 -3.16
C VAL A 13 10.44 4.34 -3.16
N CYS A 14 9.63 4.34 -2.10
CA CYS A 14 8.55 5.31 -1.95
C CYS A 14 9.15 6.67 -1.61
N ILE A 15 8.82 7.67 -2.41
CA ILE A 15 9.34 9.02 -2.21
C ILE A 15 8.30 9.89 -1.50
N ASN A 16 7.03 9.53 -1.64
CA ASN A 16 5.95 10.28 -1.02
C ASN A 16 4.75 9.37 -0.81
N LYS A 17 3.93 9.69 0.18
CA LYS A 17 2.74 8.92 0.51
C LYS A 17 1.71 8.95 -0.63
N LYS A 18 1.63 10.08 -1.34
CA LYS A 18 0.67 10.25 -2.44
C LYS A 18 0.78 9.09 -3.46
N PRO A 19 1.96 8.85 -4.07
CA PRO A 19 2.15 7.75 -5.05
C PRO A 19 1.57 6.43 -4.55
N CYS A 20 1.88 6.11 -3.31
CA CYS A 20 1.41 4.89 -2.69
C CYS A 20 -0.12 4.89 -2.55
N VAL A 21 -0.65 5.97 -1.96
CA VAL A 21 -2.09 6.10 -1.79
C VAL A 21 -2.80 6.00 -3.13
N ALA A 22 -2.17 6.56 -4.17
CA ALA A 22 -2.72 6.52 -5.51
C ALA A 22 -2.89 5.07 -5.97
N CYS A 23 -1.86 4.26 -5.78
CA CYS A 23 -1.92 2.86 -6.16
C CYS A 23 -2.97 2.13 -5.33
N CYS A 24 -2.89 2.32 -4.04
CA CYS A 24 -3.81 1.69 -3.11
C CYS A 24 -5.26 2.04 -3.47
N LYS A 25 -5.51 3.30 -3.78
CA LYS A 25 -6.85 3.74 -4.13
C LYS A 25 -7.35 3.09 -5.41
N LYS A 26 -6.51 3.04 -6.45
CA LYS A 26 -6.91 2.42 -7.71
C LYS A 26 -7.08 0.91 -7.55
N ALA A 27 -6.55 0.36 -6.46
CA ALA A 27 -6.65 -1.07 -6.19
C ALA A 27 -7.71 -1.35 -5.12
N LYS A 28 -8.50 -0.32 -4.80
CA LYS A 28 -9.58 -0.40 -3.82
C LYS A 28 -9.05 -0.67 -2.39
N PHE A 29 -8.10 0.15 -1.97
CA PHE A 29 -7.55 0.05 -0.62
C PHE A 29 -7.86 1.34 0.13
N SER A 30 -8.11 1.22 1.43
CA SER A 30 -8.44 2.35 2.28
C SER A 30 -7.34 3.41 2.32
N ASP A 31 -6.10 2.96 2.48
CA ASP A 31 -4.96 3.88 2.53
C ASP A 31 -3.65 3.13 2.39
N GLY A 32 -2.64 3.80 1.84
CA GLY A 32 -1.35 3.18 1.67
C GLY A 32 -0.25 3.86 2.45
N HIS A 33 0.72 3.08 2.89
CA HIS A 33 1.84 3.59 3.65
C HIS A 33 3.14 2.96 3.18
N CYS A 34 4.12 3.80 2.89
CA CYS A 34 5.41 3.33 2.41
C CYS A 34 6.18 2.60 3.51
N SER A 35 6.78 1.48 3.16
CA SER A 35 7.55 0.68 4.10
C SER A 35 8.84 1.42 4.48
N LYS A 36 9.58 0.88 5.43
CA LYS A 36 10.82 1.51 5.88
C LYS A 36 12.03 1.05 5.08
N ILE A 37 12.10 -0.23 4.76
CA ILE A 37 13.23 -0.80 4.02
C ILE A 37 13.20 -0.35 2.55
N LEU A 38 12.63 -1.19 1.69
CA LEU A 38 12.54 -0.89 0.26
C LEU A 38 11.48 0.18 0.02
N ARG A 39 10.80 0.54 1.10
CA ARG A 39 9.73 1.54 1.08
C ARG A 39 8.58 1.06 0.21
N ARG A 40 8.33 -0.25 0.23
CA ARG A 40 7.23 -0.82 -0.54
C ARG A 40 5.92 -0.19 -0.10
N CYS A 41 5.04 0.08 -1.06
CA CYS A 41 3.77 0.70 -0.78
C CYS A 41 2.80 -0.30 -0.14
N LEU A 42 2.75 -0.32 1.18
CA LEU A 42 1.84 -1.23 1.89
C LEU A 42 0.44 -0.64 1.88
N CYS A 43 -0.47 -1.30 1.19
CA CYS A 43 -1.84 -0.84 1.10
C CYS A 43 -2.72 -1.53 2.13
N THR A 44 -3.48 -0.74 2.85
CA THR A 44 -4.42 -1.25 3.84
C THR A 44 -5.81 -1.12 3.30
N LYS A 45 -6.70 -2.04 3.65
CA LYS A 45 -8.07 -1.96 3.14
C LYS A 45 -9.08 -2.75 3.96
N GLU A 46 -10.26 -2.87 3.38
CA GLU A 46 -11.41 -3.56 3.95
C GLU A 46 -11.30 -5.08 3.83
N CYS A 47 -11.68 -5.75 4.90
CA CYS A 47 -11.70 -7.21 4.97
C CYS A 47 -12.16 -7.62 6.36
N ALA A 1 -9.67 -5.22 13.95
CA ALA A 1 -9.94 -5.36 12.51
C ALA A 1 -8.84 -4.67 11.70
N THR A 2 -7.60 -4.85 12.11
CA THR A 2 -6.47 -4.26 11.43
C THR A 2 -5.81 -5.31 10.56
N CYS A 3 -5.91 -5.16 9.25
CA CYS A 3 -5.36 -6.14 8.34
C CYS A 3 -4.25 -5.59 7.46
N LYS A 4 -3.18 -6.36 7.34
CA LYS A 4 -2.02 -5.99 6.54
C LYS A 4 -1.77 -7.06 5.48
N ALA A 5 -1.58 -6.62 4.26
CA ALA A 5 -1.30 -7.51 3.14
C ALA A 5 -0.66 -6.72 2.03
N GLU A 6 0.48 -7.19 1.55
CA GLU A 6 1.19 -6.52 0.48
C GLU A 6 0.33 -6.53 -0.76
N CYS A 7 0.27 -5.40 -1.44
CA CYS A 7 -0.53 -5.27 -2.65
C CYS A 7 -0.15 -6.36 -3.66
N PRO A 8 -1.14 -7.15 -4.10
CA PRO A 8 -0.91 -8.26 -5.05
C PRO A 8 -0.23 -7.78 -6.33
N THR A 9 -0.67 -6.64 -6.82
CA THR A 9 -0.09 -6.06 -8.03
C THR A 9 1.11 -5.19 -7.69
N TRP A 10 2.04 -5.74 -6.94
CA TRP A 10 3.23 -5.02 -6.54
C TRP A 10 4.44 -5.96 -6.43
N ASP A 11 5.50 -5.60 -7.12
CA ASP A 11 6.72 -6.40 -7.12
C ASP A 11 7.93 -5.49 -7.33
N SER A 12 7.74 -4.20 -7.10
CA SER A 12 8.82 -3.24 -7.27
C SER A 12 9.23 -2.63 -5.93
N VAL A 13 10.10 -1.63 -6.00
CA VAL A 13 10.58 -0.95 -4.81
C VAL A 13 9.72 0.27 -4.48
N CYS A 14 9.14 0.26 -3.28
CA CYS A 14 8.32 1.37 -2.84
C CYS A 14 9.21 2.52 -2.36
N ILE A 15 9.10 3.66 -3.01
CA ILE A 15 9.91 4.82 -2.64
C ILE A 15 9.12 5.77 -1.78
N ASN A 16 7.91 6.11 -2.22
CA ASN A 16 7.04 7.02 -1.50
C ASN A 16 5.70 6.35 -1.24
N LYS A 17 4.91 6.93 -0.34
CA LYS A 17 3.60 6.40 0.01
C LYS A 17 2.66 6.35 -1.20
N LYS A 18 2.75 7.36 -2.08
CA LYS A 18 1.87 7.43 -3.26
C LYS A 18 1.78 6.11 -4.04
N PRO A 19 2.90 5.56 -4.56
CA PRO A 19 2.88 4.29 -5.32
C PRO A 19 2.14 3.18 -4.57
N CYS A 20 2.47 3.06 -3.30
CA CYS A 20 1.86 2.05 -2.45
C CYS A 20 0.38 2.33 -2.21
N VAL A 21 0.07 3.56 -1.80
CA VAL A 21 -1.32 3.96 -1.57
C VAL A 21 -2.17 3.72 -2.81
N ALA A 22 -1.61 4.03 -3.97
CA ALA A 22 -2.33 3.83 -5.23
C ALA A 22 -2.68 2.36 -5.41
N CYS A 23 -1.68 1.50 -5.23
CA CYS A 23 -1.88 0.06 -5.36
C CYS A 23 -2.92 -0.41 -4.34
N CYS A 24 -2.73 0.04 -3.10
CA CYS A 24 -3.64 -0.30 -2.02
C CYS A 24 -5.06 0.21 -2.31
N LYS A 25 -5.15 1.38 -2.93
CA LYS A 25 -6.46 1.95 -3.26
C LYS A 25 -7.23 1.04 -4.19
N LYS A 26 -6.60 0.64 -5.28
CA LYS A 26 -7.25 -0.25 -6.24
C LYS A 26 -7.47 -1.64 -5.66
N ALA A 27 -6.75 -1.96 -4.59
CA ALA A 27 -6.89 -3.24 -3.93
C ALA A 27 -7.87 -3.17 -2.75
N LYS A 28 -8.55 -2.03 -2.62
CA LYS A 28 -9.54 -1.79 -1.57
C LYS A 28 -8.90 -1.75 -0.16
N PHE A 29 -7.71 -1.17 -0.06
CA PHE A 29 -7.05 -1.02 1.22
C PHE A 29 -7.09 0.43 1.66
N SER A 30 -7.20 0.64 2.96
CA SER A 30 -7.26 1.97 3.53
C SER A 30 -6.02 2.81 3.18
N ASP A 31 -4.85 2.23 3.40
CA ASP A 31 -3.59 2.93 3.11
C ASP A 31 -2.46 1.93 2.96
N GLY A 32 -1.45 2.32 2.20
CA GLY A 32 -0.31 1.46 1.98
C GLY A 32 0.99 2.10 2.41
N HIS A 33 1.87 1.30 3.00
CA HIS A 33 3.14 1.79 3.46
C HIS A 33 4.27 0.88 3.01
N CYS A 34 5.34 1.48 2.52
CA CYS A 34 6.49 0.72 2.05
C CYS A 34 7.18 -0.01 3.21
N SER A 35 7.58 -1.25 2.98
CA SER A 35 8.25 -2.02 4.02
C SER A 35 9.76 -1.76 4.01
N LYS A 36 10.51 -2.70 4.54
CA LYS A 36 11.96 -2.57 4.59
C LYS A 36 12.66 -3.76 3.95
N ILE A 37 12.08 -4.94 4.10
CA ILE A 37 12.66 -6.17 3.55
C ILE A 37 12.92 -6.07 2.05
N LEU A 38 11.90 -5.73 1.29
CA LEU A 38 12.03 -5.61 -0.16
C LEU A 38 11.22 -4.42 -0.65
N ARG A 39 10.98 -3.51 0.28
CA ARG A 39 10.21 -2.29 0.01
C ARG A 39 8.85 -2.64 -0.60
N ARG A 40 8.33 -3.81 -0.26
CA ARG A 40 7.04 -4.23 -0.77
C ARG A 40 5.94 -3.36 -0.18
N CYS A 41 4.95 -3.07 -0.98
CA CYS A 41 3.85 -2.22 -0.59
C CYS A 41 2.92 -2.93 0.39
N LEU A 42 3.09 -2.64 1.68
CA LEU A 42 2.22 -3.24 2.69
C LEU A 42 0.93 -2.46 2.78
N CYS A 43 -0.15 -3.09 2.38
CA CYS A 43 -1.45 -2.45 2.41
C CYS A 43 -2.20 -2.80 3.68
N THR A 44 -2.80 -1.80 4.28
CA THR A 44 -3.57 -2.00 5.49
C THR A 44 -5.03 -1.66 5.25
N LYS A 45 -5.94 -2.48 5.77
CA LYS A 45 -7.37 -2.25 5.59
C LYS A 45 -8.16 -2.99 6.64
N GLU A 46 -9.46 -2.80 6.57
CA GLU A 46 -10.40 -3.39 7.50
C GLU A 46 -10.77 -4.83 7.12
N CYS A 47 -10.72 -5.72 8.09
CA CYS A 47 -11.10 -7.13 7.88
C CYS A 47 -11.02 -7.87 9.21
N ALA A 1 -12.76 -3.85 11.45
CA ALA A 1 -11.36 -4.30 11.66
C ALA A 1 -10.40 -3.47 10.82
N THR A 2 -9.21 -3.99 10.59
CA THR A 2 -8.21 -3.30 9.80
C THR A 2 -7.33 -4.32 9.08
N CYS A 3 -7.58 -4.47 7.79
CA CYS A 3 -6.83 -5.40 6.96
C CYS A 3 -5.73 -4.67 6.21
N LYS A 4 -4.61 -5.35 5.99
CA LYS A 4 -3.51 -4.75 5.28
C LYS A 4 -2.71 -5.80 4.52
N ALA A 5 -2.32 -5.44 3.31
CA ALA A 5 -1.55 -6.28 2.43
C ALA A 5 -0.91 -5.42 1.36
N GLU A 6 0.25 -5.83 0.87
CA GLU A 6 0.95 -5.05 -0.15
C GLU A 6 0.12 -4.95 -1.42
N CYS A 7 0.18 -3.79 -2.06
CA CYS A 7 -0.57 -3.55 -3.29
C CYS A 7 -0.23 -4.61 -4.34
N PRO A 8 -1.27 -5.24 -4.92
CA PRO A 8 -1.10 -6.30 -5.93
C PRO A 8 -0.19 -5.87 -7.07
N THR A 9 -0.35 -4.64 -7.53
CA THR A 9 0.47 -4.11 -8.60
C THR A 9 1.68 -3.36 -8.04
N TRP A 10 2.40 -4.00 -7.13
CA TRP A 10 3.56 -3.39 -6.52
C TRP A 10 4.52 -4.46 -6.01
N ASP A 11 5.80 -4.27 -6.27
CA ASP A 11 6.84 -5.20 -5.85
C ASP A 11 8.16 -4.47 -5.64
N SER A 12 8.33 -3.38 -6.37
CA SER A 12 9.54 -2.59 -6.33
C SER A 12 9.68 -1.79 -5.03
N VAL A 13 10.82 -1.12 -4.89
CA VAL A 13 11.11 -0.31 -3.72
C VAL A 13 10.38 1.03 -3.78
N CYS A 14 9.63 1.34 -2.73
CA CYS A 14 8.88 2.58 -2.64
C CYS A 14 9.81 3.76 -2.33
N ILE A 15 9.57 4.87 -3.01
CA ILE A 15 10.37 6.08 -2.81
C ILE A 15 9.64 7.05 -1.87
N ASN A 16 8.33 7.14 -2.02
CA ASN A 16 7.52 8.02 -1.19
C ASN A 16 6.16 7.39 -0.91
N LYS A 17 5.52 7.83 0.17
CA LYS A 17 4.22 7.29 0.58
C LYS A 17 3.12 7.57 -0.45
N LYS A 18 3.21 8.71 -1.14
CA LYS A 18 2.20 9.10 -2.14
C LYS A 18 1.94 7.98 -3.16
N PRO A 19 2.97 7.50 -3.90
CA PRO A 19 2.80 6.43 -4.89
C PRO A 19 2.11 5.20 -4.29
N CYS A 20 2.50 4.88 -3.06
CA CYS A 20 1.92 3.75 -2.33
C CYS A 20 0.43 3.96 -2.11
N VAL A 21 0.08 5.14 -1.60
CA VAL A 21 -1.32 5.48 -1.35
C VAL A 21 -2.14 5.38 -2.63
N ALA A 22 -1.55 5.81 -3.74
CA ALA A 22 -2.23 5.76 -5.03
C ALA A 22 -2.54 4.31 -5.41
N CYS A 23 -1.55 3.44 -5.25
CA CYS A 23 -1.70 2.01 -5.55
C CYS A 23 -2.78 1.41 -4.65
N CYS A 24 -2.71 1.76 -3.39
CA CYS A 24 -3.65 1.28 -2.39
C CYS A 24 -5.06 1.79 -2.64
N LYS A 25 -5.18 3.07 -2.98
CA LYS A 25 -6.48 3.66 -3.23
C LYS A 25 -7.18 2.99 -4.40
N LYS A 26 -6.45 2.77 -5.50
CA LYS A 26 -7.03 2.11 -6.67
C LYS A 26 -7.36 0.65 -6.34
N ALA A 27 -6.60 0.07 -5.41
CA ALA A 27 -6.82 -1.32 -5.00
C ALA A 27 -7.96 -1.43 -3.99
N LYS A 28 -8.67 -0.32 -3.77
CA LYS A 28 -9.81 -0.26 -2.85
C LYS A 28 -9.36 -0.32 -1.38
N PHE A 29 -8.23 0.30 -1.08
CA PHE A 29 -7.71 0.36 0.28
C PHE A 29 -7.75 1.80 0.77
N SER A 30 -8.00 1.99 2.05
CA SER A 30 -8.09 3.31 2.64
C SER A 30 -6.74 4.02 2.73
N ASP A 31 -5.72 3.30 3.15
CA ASP A 31 -4.39 3.87 3.32
C ASP A 31 -3.32 2.98 2.70
N GLY A 32 -2.15 3.56 2.50
CA GLY A 32 -1.03 2.84 1.96
C GLY A 32 0.25 3.34 2.58
N HIS A 33 1.04 2.42 3.11
CA HIS A 33 2.29 2.77 3.77
C HIS A 33 3.41 1.84 3.33
N CYS A 34 4.54 2.43 2.99
CA CYS A 34 5.69 1.66 2.55
C CYS A 34 6.36 0.97 3.73
N SER A 35 6.60 -0.32 3.59
CA SER A 35 7.22 -1.13 4.62
C SER A 35 8.67 -0.71 4.87
N LYS A 36 9.22 -1.18 5.97
CA LYS A 36 10.59 -0.88 6.35
C LYS A 36 11.55 -1.90 5.74
N ILE A 37 11.03 -3.09 5.46
CA ILE A 37 11.84 -4.17 4.89
C ILE A 37 12.24 -3.87 3.45
N LEU A 38 11.60 -4.53 2.49
CA LEU A 38 11.91 -4.33 1.08
C LEU A 38 11.26 -3.05 0.56
N ARG A 39 10.80 -2.24 1.49
CA ARG A 39 10.16 -0.97 1.19
C ARG A 39 8.92 -1.18 0.32
N ARG A 40 8.30 -2.34 0.47
CA ARG A 40 7.10 -2.69 -0.28
C ARG A 40 5.90 -1.88 0.21
N CYS A 41 5.00 -1.57 -0.70
CA CYS A 41 3.82 -0.78 -0.38
C CYS A 41 2.73 -1.61 0.30
N LEU A 42 2.54 -1.40 1.60
CA LEU A 42 1.51 -2.10 2.35
C LEU A 42 0.23 -1.28 2.38
N CYS A 43 -0.85 -1.85 1.90
CA CYS A 43 -2.13 -1.18 1.86
C CYS A 43 -3.00 -1.54 3.04
N THR A 44 -3.53 -0.53 3.71
CA THR A 44 -4.40 -0.73 4.85
C THR A 44 -5.83 -0.31 4.51
N LYS A 45 -6.80 -1.00 5.09
CA LYS A 45 -8.19 -0.68 4.85
C LYS A 45 -9.07 -1.29 5.93
N GLU A 46 -10.32 -0.89 5.94
CA GLU A 46 -11.31 -1.41 6.87
C GLU A 46 -11.82 -2.77 6.41
N CYS A 47 -12.25 -3.58 7.37
CA CYS A 47 -12.77 -4.90 7.09
C CYS A 47 -13.43 -5.44 8.35
N ALA A 1 -12.18 -8.99 10.50
CA ALA A 1 -10.93 -8.56 11.17
C ALA A 1 -10.20 -7.55 10.31
N THR A 2 -8.88 -7.53 10.43
CA THR A 2 -8.06 -6.62 9.66
C THR A 2 -7.47 -7.36 8.46
N CYS A 3 -7.92 -7.00 7.27
CA CYS A 3 -7.43 -7.64 6.06
C CYS A 3 -6.22 -6.92 5.49
N LYS A 4 -5.19 -7.70 5.15
CA LYS A 4 -3.96 -7.16 4.61
C LYS A 4 -3.69 -7.78 3.23
N ALA A 5 -3.39 -6.92 2.27
CA ALA A 5 -3.08 -7.36 0.92
C ALA A 5 -2.33 -6.25 0.20
N GLU A 6 -1.25 -6.61 -0.50
CA GLU A 6 -0.46 -5.63 -1.21
C GLU A 6 -1.30 -5.04 -2.34
N CYS A 7 -1.17 -3.73 -2.53
CA CYS A 7 -1.93 -3.04 -3.56
C CYS A 7 -1.74 -3.73 -4.91
N PRO A 8 -2.86 -4.12 -5.56
CA PRO A 8 -2.83 -4.82 -6.85
C PRO A 8 -2.04 -4.05 -7.91
N THR A 9 -2.25 -2.74 -7.94
CA THR A 9 -1.55 -1.91 -8.90
C THR A 9 -0.26 -1.36 -8.30
N TRP A 10 0.50 -2.24 -7.66
CA TRP A 10 1.75 -1.84 -7.04
C TRP A 10 2.82 -2.92 -7.21
N ASP A 11 3.92 -2.53 -7.83
CA ASP A 11 5.04 -3.45 -8.04
C ASP A 11 6.32 -2.64 -8.08
N SER A 12 6.57 -1.91 -7.01
CA SER A 12 7.75 -1.06 -6.90
C SER A 12 8.17 -0.89 -5.45
N VAL A 13 9.27 -0.20 -5.24
CA VAL A 13 9.81 0.03 -3.90
C VAL A 13 9.04 1.13 -3.17
N CYS A 14 8.40 0.76 -2.08
CA CYS A 14 7.64 1.71 -1.27
C CYS A 14 8.56 2.33 -0.22
N ILE A 15 8.75 3.63 -0.31
CA ILE A 15 9.61 4.33 0.64
C ILE A 15 8.78 5.29 1.49
N ASN A 16 8.01 6.14 0.81
CA ASN A 16 7.17 7.10 1.50
C ASN A 16 5.78 6.52 1.75
N LYS A 17 5.21 6.87 2.88
CA LYS A 17 3.89 6.38 3.30
C LYS A 17 2.79 6.80 2.32
N LYS A 18 2.83 8.05 1.86
CA LYS A 18 1.80 8.60 0.96
C LYS A 18 1.54 7.71 -0.28
N PRO A 19 2.56 7.37 -1.09
CA PRO A 19 2.38 6.53 -2.29
C PRO A 19 1.57 5.27 -2.01
N CYS A 20 1.93 4.60 -0.92
CA CYS A 20 1.25 3.37 -0.54
C CYS A 20 -0.21 3.65 -0.16
N VAL A 21 -0.42 4.66 0.69
CA VAL A 21 -1.77 5.03 1.11
C VAL A 21 -2.63 5.38 -0.10
N ALA A 22 -2.04 6.05 -1.07
CA ALA A 22 -2.76 6.42 -2.29
C ALA A 22 -3.21 5.18 -3.05
N CYS A 23 -2.27 4.25 -3.26
CA CYS A 23 -2.58 3.00 -3.96
C CYS A 23 -3.64 2.22 -3.21
N CYS A 24 -3.48 2.16 -1.90
CA CYS A 24 -4.41 1.46 -1.04
C CYS A 24 -5.78 2.12 -1.00
N LYS A 25 -5.80 3.45 -1.02
CA LYS A 25 -7.06 4.19 -0.98
C LYS A 25 -7.89 3.92 -2.23
N LYS A 26 -7.25 3.96 -3.40
CA LYS A 26 -7.95 3.66 -4.65
C LYS A 26 -8.38 2.19 -4.68
N ALA A 27 -7.58 1.35 -4.03
CA ALA A 27 -7.86 -0.08 -3.95
C ALA A 27 -9.01 -0.36 -2.98
N LYS A 28 -9.45 0.71 -2.28
CA LYS A 28 -10.56 0.65 -1.33
C LYS A 28 -10.10 0.08 0.02
N PHE A 29 -8.88 0.41 0.40
CA PHE A 29 -8.32 -0.02 1.68
C PHE A 29 -8.21 1.18 2.62
N SER A 30 -8.34 0.94 3.92
CA SER A 30 -8.29 2.00 4.91
C SER A 30 -6.94 2.72 4.90
N ASP A 31 -5.86 1.97 4.92
CA ASP A 31 -4.52 2.56 4.94
C ASP A 31 -3.48 1.61 4.38
N GLY A 32 -2.41 2.17 3.85
CA GLY A 32 -1.33 1.37 3.28
C GLY A 32 0.00 1.65 3.96
N HIS A 33 0.81 0.62 4.10
CA HIS A 33 2.12 0.74 4.73
C HIS A 33 3.18 0.00 3.93
N CYS A 34 4.31 0.65 3.70
CA CYS A 34 5.40 0.06 2.94
C CYS A 34 6.03 -1.13 3.69
N SER A 35 6.23 -2.22 2.97
CA SER A 35 6.82 -3.41 3.55
C SER A 35 8.32 -3.25 3.70
N LYS A 36 8.90 -4.01 4.62
CA LYS A 36 10.33 -3.97 4.87
C LYS A 36 11.05 -4.96 3.95
N ILE A 37 10.33 -5.99 3.54
CA ILE A 37 10.88 -7.02 2.67
C ILE A 37 11.17 -6.48 1.26
N LEU A 38 10.29 -6.78 0.32
CA LEU A 38 10.45 -6.32 -1.06
C LEU A 38 9.92 -4.91 -1.22
N ARG A 39 9.69 -4.26 -0.09
CA ARG A 39 9.19 -2.90 -0.05
C ARG A 39 7.84 -2.77 -0.76
N ARG A 40 7.06 -3.84 -0.77
CA ARG A 40 5.75 -3.80 -1.40
C ARG A 40 4.77 -3.00 -0.55
N CYS A 41 3.80 -2.38 -1.21
CA CYS A 41 2.80 -1.59 -0.50
C CYS A 41 1.72 -2.49 0.09
N LEU A 42 1.76 -2.66 1.41
CA LEU A 42 0.78 -3.49 2.10
C LEU A 42 -0.44 -2.68 2.44
N CYS A 43 -1.58 -3.07 1.93
CA CYS A 43 -2.82 -2.37 2.20
C CYS A 43 -3.60 -3.09 3.29
N THR A 44 -4.12 -2.31 4.22
CA THR A 44 -4.89 -2.87 5.31
C THR A 44 -6.28 -2.24 5.34
N LYS A 45 -7.29 -3.04 5.64
CA LYS A 45 -8.65 -2.56 5.68
C LYS A 45 -9.51 -3.43 6.58
N GLU A 46 -10.72 -2.97 6.76
CA GLU A 46 -11.70 -3.63 7.58
C GLU A 46 -12.34 -4.81 6.84
N CYS A 47 -12.69 -5.82 7.59
CA CYS A 47 -13.31 -7.03 7.06
C CYS A 47 -13.72 -7.92 8.22
N ALA A 1 -10.57 -5.89 11.34
CA ALA A 1 -10.79 -5.48 9.94
C ALA A 1 -9.57 -4.70 9.42
N THR A 2 -8.38 -5.17 9.80
CA THR A 2 -7.16 -4.51 9.38
C THR A 2 -6.60 -5.21 8.15
N CYS A 3 -7.04 -4.76 6.99
CA CYS A 3 -6.62 -5.34 5.73
C CYS A 3 -5.38 -4.64 5.17
N LYS A 4 -4.42 -5.45 4.74
CA LYS A 4 -3.17 -4.94 4.20
C LYS A 4 -2.81 -5.70 2.93
N ALA A 5 -2.49 -4.95 1.88
CA ALA A 5 -2.11 -5.53 0.60
C ALA A 5 -1.28 -4.52 -0.17
N GLU A 6 -0.26 -5.00 -0.88
CA GLU A 6 0.61 -4.13 -1.65
C GLU A 6 -0.19 -3.49 -2.76
N CYS A 7 0.05 -2.21 -3.01
CA CYS A 7 -0.67 -1.49 -4.04
C CYS A 7 -0.50 -2.18 -5.39
N PRO A 8 -1.63 -2.56 -6.04
CA PRO A 8 -1.60 -3.24 -7.33
C PRO A 8 -0.89 -2.43 -8.40
N THR A 9 -1.14 -1.13 -8.40
CA THR A 9 -0.53 -0.23 -9.36
C THR A 9 0.82 0.27 -8.82
N TRP A 10 1.62 -0.65 -8.31
CA TRP A 10 2.92 -0.29 -7.75
C TRP A 10 3.94 -1.39 -8.03
N ASP A 11 5.04 -1.00 -8.65
CA ASP A 11 6.12 -1.93 -8.98
C ASP A 11 7.44 -1.17 -8.97
N SER A 12 7.77 -0.58 -7.83
CA SER A 12 8.98 0.20 -7.67
C SER A 12 9.33 0.34 -6.19
N VAL A 13 10.57 0.71 -5.93
CA VAL A 13 11.04 0.89 -4.56
C VAL A 13 10.55 2.24 -4.03
N CYS A 14 9.91 2.23 -2.88
CA CYS A 14 9.37 3.45 -2.30
C CYS A 14 10.46 4.39 -1.82
N ILE A 15 10.30 5.67 -2.13
CA ILE A 15 11.26 6.68 -1.73
C ILE A 15 10.68 7.51 -0.57
N ASN A 16 9.38 7.79 -0.67
CA ASN A 16 8.68 8.57 0.34
C ASN A 16 7.28 7.98 0.55
N LYS A 17 6.69 8.21 1.72
CA LYS A 17 5.37 7.70 2.05
C LYS A 17 4.29 8.27 1.13
N LYS A 18 4.44 9.54 0.73
CA LYS A 18 3.45 10.20 -0.13
C LYS A 18 3.09 9.36 -1.37
N PRO A 19 4.08 8.98 -2.23
CA PRO A 19 3.82 8.16 -3.42
C PRO A 19 3.01 6.91 -3.10
N CYS A 20 3.35 6.29 -1.98
CA CYS A 20 2.67 5.09 -1.52
C CYS A 20 1.21 5.38 -1.19
N VAL A 21 0.98 6.42 -0.39
CA VAL A 21 -0.36 6.82 0.00
C VAL A 21 -1.20 7.14 -1.23
N ALA A 22 -0.59 7.81 -2.21
CA ALA A 22 -1.28 8.16 -3.45
C ALA A 22 -1.72 6.90 -4.17
N CYS A 23 -0.82 5.90 -4.21
CA CYS A 23 -1.11 4.63 -4.85
C CYS A 23 -2.26 3.94 -4.12
N CYS A 24 -2.11 3.83 -2.82
CA CYS A 24 -3.10 3.19 -1.97
C CYS A 24 -4.43 3.91 -2.03
N LYS A 25 -4.40 5.23 -2.07
CA LYS A 25 -5.62 6.02 -2.12
C LYS A 25 -6.38 5.75 -3.42
N LYS A 26 -5.66 5.63 -4.54
CA LYS A 26 -6.32 5.34 -5.81
C LYS A 26 -6.89 3.93 -5.78
N ALA A 27 -6.25 3.05 -5.00
CA ALA A 27 -6.70 1.66 -4.87
C ALA A 27 -7.81 1.55 -3.84
N LYS A 28 -8.29 2.70 -3.37
CA LYS A 28 -9.38 2.78 -2.39
C LYS A 28 -8.97 2.25 -1.02
N PHE A 29 -7.71 2.49 -0.64
CA PHE A 29 -7.21 2.08 0.67
C PHE A 29 -7.11 3.30 1.57
N SER A 30 -7.35 3.09 2.86
CA SER A 30 -7.32 4.17 3.84
C SER A 30 -5.98 4.90 3.87
N ASP A 31 -4.89 4.14 3.94
CA ASP A 31 -3.55 4.72 3.97
C ASP A 31 -2.50 3.72 3.53
N GLY A 32 -1.41 4.23 2.95
CA GLY A 32 -0.35 3.37 2.48
C GLY A 32 0.93 3.57 3.27
N HIS A 33 1.63 2.48 3.52
CA HIS A 33 2.89 2.53 4.25
C HIS A 33 3.94 1.69 3.54
N CYS A 34 5.09 2.29 3.32
CA CYS A 34 6.18 1.61 2.65
C CYS A 34 6.85 0.60 3.57
N SER A 35 7.25 -0.53 3.03
CA SER A 35 7.92 -1.55 3.83
C SER A 35 9.39 -1.20 4.05
N LYS A 36 10.21 -2.20 4.32
CA LYS A 36 11.62 -1.98 4.55
C LYS A 36 12.49 -2.90 3.71
N ILE A 37 12.15 -4.19 3.69
CA ILE A 37 12.93 -5.18 2.93
C ILE A 37 12.93 -4.87 1.43
N LEU A 38 11.77 -4.97 0.80
CA LEU A 38 11.67 -4.69 -0.63
C LEU A 38 11.31 -3.23 -0.84
N ARG A 39 10.91 -2.58 0.25
CA ARG A 39 10.52 -1.18 0.25
C ARG A 39 9.32 -0.95 -0.67
N ARG A 40 8.44 -1.94 -0.76
CA ARG A 40 7.23 -1.83 -1.58
C ARG A 40 6.15 -1.11 -0.79
N CYS A 41 5.14 -0.64 -1.49
CA CYS A 41 4.04 0.09 -0.87
C CYS A 41 2.95 -0.82 -0.32
N LEU A 42 2.90 -0.93 1.00
CA LEU A 42 1.87 -1.75 1.65
C LEU A 42 0.65 -0.88 1.94
N CYS A 43 -0.49 -1.25 1.38
CA CYS A 43 -1.70 -0.48 1.59
C CYS A 43 -2.54 -1.09 2.69
N THR A 44 -3.07 -0.23 3.54
CA THR A 44 -3.90 -0.66 4.65
C THR A 44 -5.25 0.01 4.58
N LYS A 45 -6.29 -0.76 4.84
CA LYS A 45 -7.64 -0.26 4.83
C LYS A 45 -8.56 -1.22 5.56
N GLU A 46 -9.73 -0.75 5.90
CA GLU A 46 -10.72 -1.57 6.60
C GLU A 46 -11.46 -2.47 5.61
N CYS A 47 -11.65 -3.72 5.98
CA CYS A 47 -12.37 -4.69 5.16
C CYS A 47 -12.56 -5.97 5.95
#